data_5X62
#
_entry.id   5X62
#
_cell.length_a   71.537
_cell.length_b   72.902
_cell.length_c   175.235
_cell.angle_alpha   90.00
_cell.angle_beta   90.00
_cell.angle_gamma   90.00
#
_symmetry.space_group_name_H-M   'P 21 21 21'
#
loop_
_entity.id
_entity.type
_entity.pdbx_description
1 polymer 'Carnosine N-methyltransferase'
2 non-polymer S-ADENOSYL-L-HOMOCYSTEINE
3 non-polymer 'SODIUM ION'
4 water water
#
_entity_poly.entity_id   1
_entity_poly.type   'polypeptide(L)'
_entity_poly.pdbx_seq_one_letter_code
;GPHMASMDENEFDNQRENKAVARVIISFLKYEEYALKEIYNLRVKKWASISDRQKDMVPNYTKYLANLKAAIIENGKFFR
SVAEYALQSISFEPGEIVQPNDLDMSKTCSLLTQVYREWSAEAISERNCLNSRLVPFLKTLSPPKADILIPGCGTGRLLV
DLSRMGYNCEGNEFSYHMLLVSQYMLNAGLLQNQIIIYPFIHCFSHWKKIEDQLSPIKVPDIEAWSSNKGMGSMSICAGS
FVDCYGRNQGTKISSHYTFSRRMQLSRAKAENSKDVVVTNFFIDTGSNILDYLDTIGHVLKPGGIWCNFGPLLYHFENDH
GVETTYEVNPYSGFQDKINDYTPLMGLELSSDDIISIATNHLDFELIRRESGILCGYGRYAGPESCAMPGYMCHYWILKS
NPTNES
;
_entity_poly.pdbx_strand_id   A,B
#
loop_
_chem_comp.id
_chem_comp.type
_chem_comp.name
_chem_comp.formula
NA non-polymer 'SODIUM ION' 'Na 1'
SAH non-polymer S-ADENOSYL-L-HOMOCYSTEINE 'C14 H20 N6 O5 S'
#
# COMPACT_ATOMS: atom_id res chain seq x y z
N ASN A 14 15.72 26.37 -17.61
CA ASN A 14 16.52 26.61 -18.81
C ASN A 14 17.24 25.33 -19.23
N GLN A 15 18.55 25.28 -18.98
CA GLN A 15 19.34 24.11 -19.36
C GLN A 15 18.95 22.89 -18.52
N ARG A 16 18.79 23.08 -17.21
CA ARG A 16 18.31 22.00 -16.36
C ARG A 16 16.94 21.52 -16.79
N GLU A 17 16.03 22.45 -17.11
CA GLU A 17 14.72 22.07 -17.61
C GLU A 17 14.82 21.16 -18.83
N ASN A 18 15.66 21.52 -19.80
CA ASN A 18 15.75 20.73 -21.02
C ASN A 18 16.41 19.38 -20.78
N LYS A 19 17.43 19.35 -19.92
CA LYS A 19 18.03 18.08 -19.53
C LYS A 19 17.00 17.14 -18.89
N ALA A 20 16.15 17.70 -18.00
CA ALA A 20 15.11 16.91 -17.37
C ALA A 20 14.13 16.37 -18.41
N VAL A 21 13.70 17.22 -19.35
CA VAL A 21 12.76 16.79 -20.38
C VAL A 21 13.37 15.68 -21.23
N ALA A 22 14.63 15.85 -21.64
CA ALA A 22 15.29 14.84 -22.44
C ALA A 22 15.33 13.50 -21.71
N ARG A 23 15.63 13.55 -20.42
CA ARG A 23 15.70 12.32 -19.66
C ARG A 23 14.32 11.63 -19.58
N VAL A 24 13.25 12.40 -19.38
CA VAL A 24 11.93 11.78 -19.35
C VAL A 24 11.60 11.14 -20.71
N ILE A 25 11.96 11.83 -21.80
CA ILE A 25 11.72 11.30 -23.14
C ILE A 25 12.46 9.98 -23.31
N ILE A 26 13.73 9.91 -22.89
CA ILE A 26 14.48 8.67 -22.97
C ILE A 26 13.80 7.57 -22.14
N SER A 27 13.28 7.92 -20.97
CA SER A 27 12.54 6.95 -20.15
C SER A 27 11.37 6.36 -20.93
N PHE A 28 10.60 7.23 -21.61
CA PHE A 28 9.51 6.75 -22.45
C PHE A 28 10.04 5.78 -23.50
N LEU A 29 11.17 6.13 -24.13
CA LEU A 29 11.72 5.26 -25.18
C LEU A 29 12.22 3.94 -24.63
N LYS A 30 12.52 3.87 -23.33
CA LYS A 30 13.04 2.65 -22.73
C LYS A 30 11.95 1.82 -22.02
N TYR A 31 10.69 2.25 -22.09
CA TYR A 31 9.63 1.51 -21.38
C TYR A 31 9.65 0.02 -21.71
N GLU A 32 9.74 -0.34 -23.00
CA GLU A 32 9.61 -1.74 -23.37
C GLU A 32 10.71 -2.60 -22.75
N GLU A 33 11.97 -2.17 -22.91
CA GLU A 33 13.11 -2.90 -22.36
C GLU A 33 12.99 -3.02 -20.84
N TYR A 34 12.62 -1.92 -20.18
CA TYR A 34 12.50 -1.94 -18.74
C TYR A 34 11.39 -2.89 -18.30
N ALA A 35 10.22 -2.81 -18.93
CA ALA A 35 9.09 -3.66 -18.54
C ALA A 35 9.41 -5.12 -18.75
N LEU A 36 10.08 -5.44 -19.85
CA LEU A 36 10.51 -6.83 -20.06
C LEU A 36 11.41 -7.30 -18.94
N LYS A 37 12.43 -6.49 -18.58
CA LYS A 37 13.32 -6.87 -17.49
C LYS A 37 12.58 -7.00 -16.16
N GLU A 38 11.61 -6.13 -15.92
CA GLU A 38 11.07 -5.96 -14.59
C GLU A 38 9.93 -6.93 -14.29
N ILE A 39 9.05 -7.17 -15.25
CA ILE A 39 7.87 -8.00 -15.00
C ILE A 39 7.81 -9.28 -15.82
N TYR A 40 8.63 -9.43 -16.87
CA TYR A 40 8.54 -10.59 -17.76
C TYR A 40 9.66 -11.61 -17.53
N ASN A 41 10.92 -11.17 -17.58
CA ASN A 41 12.05 -12.09 -17.62
C ASN A 41 12.06 -13.05 -16.42
N LEU A 42 11.98 -12.50 -15.20
CA LEU A 42 12.07 -13.37 -14.03
C LEU A 42 10.86 -14.30 -13.90
N ARG A 43 9.74 -13.99 -14.55
CA ARG A 43 8.62 -14.90 -14.47
C ARG A 43 8.77 -16.06 -15.44
N VAL A 44 9.38 -15.80 -16.61
CA VAL A 44 9.79 -16.89 -17.48
C VAL A 44 10.81 -17.78 -16.77
N LYS A 45 11.77 -17.16 -16.08
CA LYS A 45 12.77 -17.93 -15.35
C LYS A 45 12.14 -18.72 -14.21
N LYS A 46 11.11 -18.14 -13.57
CA LYS A 46 10.43 -18.87 -12.50
C LYS A 46 9.70 -20.08 -13.07
N TRP A 47 8.95 -19.89 -14.17
CA TRP A 47 8.31 -21.03 -14.81
C TRP A 47 9.34 -22.10 -15.17
N ALA A 48 10.46 -21.69 -15.76
CA ALA A 48 11.50 -22.65 -16.13
C ALA A 48 12.05 -23.38 -14.92
N SER A 49 12.06 -22.75 -13.75
CA SER A 49 12.72 -23.34 -12.59
C SER A 49 11.84 -24.28 -11.78
N ILE A 50 10.52 -24.17 -11.86
CA ILE A 50 9.68 -25.05 -11.07
C ILE A 50 9.69 -26.46 -11.66
N SER A 51 9.32 -27.42 -10.83
CA SER A 51 9.30 -28.82 -11.25
C SER A 51 8.25 -29.06 -12.33
N ASP A 52 8.47 -30.11 -13.12
CA ASP A 52 7.54 -30.48 -14.18
C ASP A 52 6.13 -30.73 -13.65
N ARG A 53 6.00 -31.32 -12.46
CA ARG A 53 4.66 -31.55 -11.90
C ARG A 53 3.91 -30.23 -11.67
N GLN A 54 4.58 -29.23 -11.08
CA GLN A 54 3.92 -27.94 -10.87
C GLN A 54 3.70 -27.21 -12.19
N LYS A 55 4.63 -27.37 -13.14
CA LYS A 55 4.39 -26.91 -14.51
C LYS A 55 3.07 -27.45 -15.03
N ASP A 56 2.81 -28.75 -14.78
CA ASP A 56 1.53 -29.32 -15.17
C ASP A 56 0.38 -28.67 -14.42
N MET A 57 0.65 -28.10 -13.25
CA MET A 57 -0.42 -27.37 -12.56
C MET A 57 -0.74 -26.05 -13.26
N VAL A 58 0.22 -25.45 -13.97
CA VAL A 58 -0.10 -24.18 -14.63
C VAL A 58 0.12 -24.26 -16.14
N PRO A 59 -0.66 -25.08 -16.86
CA PRO A 59 -0.33 -25.34 -18.29
C PRO A 59 -0.45 -24.12 -19.20
N ASN A 60 -1.24 -23.12 -18.87
CA ASN A 60 -1.36 -21.94 -19.73
C ASN A 60 -0.39 -20.81 -19.36
N TYR A 61 0.59 -21.06 -18.49
CA TYR A 61 1.41 -19.96 -17.98
C TYR A 61 2.27 -19.33 -19.07
N THR A 62 2.85 -20.13 -19.96
CA THR A 62 3.71 -19.57 -21.02
C THR A 62 2.90 -18.80 -22.04
N LYS A 63 1.67 -19.23 -22.33
CA LYS A 63 0.79 -18.42 -23.18
C LYS A 63 0.48 -17.09 -22.51
N TYR A 64 0.25 -17.13 -21.20
CA TYR A 64 0.05 -15.90 -20.43
C TYR A 64 1.26 -14.98 -20.56
N LEU A 65 2.47 -15.52 -20.41
CA LEU A 65 3.66 -14.69 -20.50
C LEU A 65 3.82 -14.10 -21.90
N ALA A 66 3.45 -14.87 -22.94
CA ALA A 66 3.50 -14.34 -24.30
C ALA A 66 2.51 -13.19 -24.46
N ASN A 67 1.30 -13.33 -23.90
CA ASN A 67 0.32 -12.23 -23.97
C ASN A 67 0.81 -11.01 -23.19
N LEU A 68 1.48 -11.24 -22.06
CA LEU A 68 2.05 -10.15 -21.28
C LEU A 68 3.13 -9.42 -22.07
N LYS A 69 3.99 -10.17 -22.77
CA LYS A 69 5.00 -9.54 -23.61
C LYS A 69 4.36 -8.72 -24.72
N ALA A 70 3.31 -9.26 -25.37
CA ALA A 70 2.61 -8.52 -26.41
C ALA A 70 2.05 -7.20 -25.88
N ALA A 71 1.40 -7.26 -24.70
CA ALA A 71 0.86 -6.05 -24.10
C ALA A 71 1.95 -5.03 -23.81
N ILE A 72 3.11 -5.51 -23.31
CA ILE A 72 4.25 -4.64 -23.11
C ILE A 72 4.61 -3.93 -24.41
N ILE A 73 4.61 -4.67 -25.52
CA ILE A 73 4.96 -4.09 -26.82
C ILE A 73 3.98 -2.96 -27.16
N GLU A 74 2.69 -3.19 -26.94
CA GLU A 74 1.68 -2.18 -27.25
C GLU A 74 1.87 -0.91 -26.42
N ASN A 75 2.03 -1.06 -25.10
CA ASN A 75 2.27 0.10 -24.26
C ASN A 75 3.53 0.85 -24.70
N GLY A 76 4.58 0.10 -25.08
CA GLY A 76 5.77 0.72 -25.60
C GLY A 76 5.50 1.55 -26.83
N LYS A 77 4.58 1.11 -27.69
CA LYS A 77 4.18 1.92 -28.83
C LYS A 77 3.56 3.23 -28.38
N PHE A 78 2.70 3.19 -27.36
CA PHE A 78 2.14 4.45 -26.87
C PHE A 78 3.24 5.39 -26.38
N PHE A 79 4.15 4.89 -25.54
CA PHE A 79 5.19 5.76 -25.00
C PHE A 79 6.11 6.30 -26.08
N ARG A 80 6.41 5.49 -27.10
CA ARG A 80 7.22 5.98 -28.21
C ARG A 80 6.52 7.09 -28.95
N SER A 81 5.22 6.95 -29.20
CA SER A 81 4.48 8.02 -29.87
C SER A 81 4.50 9.32 -29.05
N VAL A 82 4.32 9.23 -27.72
CA VAL A 82 4.41 10.44 -26.89
C VAL A 82 5.80 11.05 -26.97
N ALA A 83 6.83 10.20 -26.96
CA ALA A 83 8.20 10.67 -27.00
C ALA A 83 8.52 11.36 -28.33
N GLU A 84 8.14 10.75 -29.44
CA GLU A 84 8.44 11.36 -30.74
C GLU A 84 7.67 12.66 -30.91
N TYR A 85 6.41 12.69 -30.48
CA TYR A 85 5.70 13.96 -30.47
C TYR A 85 6.49 15.03 -29.71
N ALA A 86 7.02 14.68 -28.53
CA ALA A 86 7.84 15.64 -27.79
C ALA A 86 9.11 15.98 -28.57
N LEU A 87 9.68 15.01 -29.28
CA LEU A 87 10.92 15.17 -30.04
C LEU A 87 10.72 16.04 -31.27
N GLN A 88 9.49 16.37 -31.64
CA GLN A 88 9.34 17.36 -32.72
C GLN A 88 9.65 18.78 -32.25
N SER A 89 9.99 18.99 -30.99
CA SER A 89 10.33 20.34 -30.54
C SER A 89 11.57 20.40 -29.66
N ILE A 90 12.18 19.29 -29.29
CA ILE A 90 13.36 19.30 -28.42
C ILE A 90 14.49 18.58 -29.12
N SER A 91 15.66 19.21 -29.15
CA SER A 91 16.87 18.62 -29.69
C SER A 91 17.87 18.46 -28.55
N PHE A 92 18.51 17.30 -28.50
CA PHE A 92 19.45 17.02 -27.41
C PHE A 92 20.60 16.19 -27.94
N GLU A 93 21.81 16.51 -27.49
CA GLU A 93 22.95 15.67 -27.80
C GLU A 93 22.80 14.33 -27.10
N PRO A 94 23.31 13.26 -27.71
CA PRO A 94 23.29 11.96 -27.01
C PRO A 94 24.07 11.99 -25.71
N GLY A 95 25.16 12.76 -25.64
CA GLY A 95 26.00 12.80 -24.47
C GLY A 95 25.53 13.72 -23.35
N GLU A 96 24.66 14.67 -23.66
CA GLU A 96 24.18 15.62 -22.65
C GLU A 96 22.94 15.12 -21.90
N ILE A 97 22.43 13.94 -22.23
CA ILE A 97 21.21 13.39 -21.64
C ILE A 97 21.57 12.52 -20.45
N VAL A 98 20.84 12.70 -19.34
CA VAL A 98 21.07 11.92 -18.14
C VAL A 98 20.28 10.63 -18.25
N GLN A 99 20.94 9.52 -17.96
CA GLN A 99 20.31 8.21 -18.10
C GLN A 99 19.19 8.08 -17.08
N PRO A 100 18.00 7.64 -17.47
CA PRO A 100 16.91 7.50 -16.50
C PRO A 100 17.25 6.45 -15.46
N ASN A 101 16.85 6.71 -14.22
CA ASN A 101 17.02 5.74 -13.17
C ASN A 101 15.75 4.91 -13.01
N ASP A 102 15.75 4.00 -12.04
CA ASP A 102 14.61 3.12 -11.88
C ASP A 102 13.39 3.89 -11.37
N LEU A 103 13.58 5.01 -10.69
CA LEU A 103 12.44 5.83 -10.30
C LEU A 103 11.80 6.49 -11.52
N ASP A 104 12.60 7.00 -12.45
CA ASP A 104 12.05 7.53 -13.70
C ASP A 104 11.24 6.46 -14.44
N MET A 105 11.79 5.25 -14.54
CA MET A 105 11.10 4.17 -15.25
C MET A 105 9.82 3.76 -14.54
N SER A 106 9.85 3.70 -13.21
CA SER A 106 8.67 3.37 -12.43
C SER A 106 7.57 4.43 -12.59
N LYS A 107 7.95 5.71 -12.58
CA LYS A 107 6.99 6.76 -12.88
C LYS A 107 6.40 6.61 -14.28
N THR A 108 7.25 6.25 -15.25
CA THR A 108 6.77 6.02 -16.61
C THR A 108 5.76 4.89 -16.66
N CYS A 109 6.03 3.79 -15.95
CA CYS A 109 5.05 2.72 -15.88
C CYS A 109 3.76 3.20 -15.22
N SER A 110 3.85 4.04 -14.20
CA SER A 110 2.64 4.54 -13.52
C SER A 110 1.81 5.48 -14.39
N LEU A 111 2.43 6.08 -15.41
CA LEU A 111 1.65 6.88 -16.36
C LEU A 111 0.55 6.05 -17.02
N LEU A 112 0.75 4.74 -17.16
CA LEU A 112 -0.32 3.90 -17.69
C LEU A 112 -1.58 4.02 -16.83
N THR A 113 -1.40 3.96 -15.51
CA THR A 113 -2.51 4.14 -14.56
C THR A 113 -3.10 5.54 -14.67
N GLN A 114 -2.24 6.56 -14.77
CA GLN A 114 -2.73 7.94 -14.86
C GLN A 114 -3.58 8.14 -16.12
N VAL A 115 -3.08 7.65 -17.25
CA VAL A 115 -3.78 7.81 -18.52
C VAL A 115 -5.10 7.05 -18.48
N TYR A 116 -5.09 5.84 -17.91
CA TYR A 116 -6.34 5.13 -17.69
C TYR A 116 -7.30 6.00 -16.91
N ARG A 117 -6.83 6.60 -15.82
CA ARG A 117 -7.71 7.36 -14.94
C ARG A 117 -8.32 8.58 -15.65
N GLU A 118 -7.51 9.29 -16.44
CA GLU A 118 -7.95 10.59 -16.96
C GLU A 118 -8.52 10.52 -18.37
N TRP A 119 -8.32 9.44 -19.12
CA TRP A 119 -8.67 9.44 -20.53
C TRP A 119 -9.45 8.23 -21.00
N SER A 120 -9.91 7.37 -20.11
CA SER A 120 -10.69 6.19 -20.50
C SER A 120 -12.15 6.38 -20.14
N ALA A 121 -13.02 5.68 -20.88
CA ALA A 121 -14.44 5.67 -20.50
C ALA A 121 -14.66 4.86 -19.21
N GLU A 122 -13.83 3.84 -18.99
CA GLU A 122 -14.00 2.97 -17.83
C GLU A 122 -13.84 3.71 -16.51
N ALA A 123 -13.06 4.80 -16.48
CA ALA A 123 -12.80 5.53 -15.23
C ALA A 123 -13.77 6.67 -14.98
N ILE A 124 -14.93 6.67 -15.65
CA ILE A 124 -15.87 7.77 -15.52
C ILE A 124 -16.36 7.91 -14.08
N SER A 125 -16.74 6.80 -13.44
CA SER A 125 -17.32 6.94 -12.10
C SER A 125 -16.29 7.47 -11.11
N GLU A 126 -15.05 6.99 -11.22
CA GLU A 126 -13.96 7.49 -10.41
C GLU A 126 -13.76 8.99 -10.57
N ARG A 127 -13.84 9.50 -11.82
CA ARG A 127 -13.78 10.93 -12.04
C ARG A 127 -15.03 11.65 -11.53
N ASN A 128 -16.15 10.92 -11.47
CA ASN A 128 -17.43 11.49 -11.07
C ASN A 128 -17.55 11.68 -9.58
N CYS A 129 -16.72 11.00 -8.77
CA CYS A 129 -16.64 11.37 -7.35
C CYS A 129 -16.50 12.88 -7.17
N LEU A 130 -15.54 13.48 -7.86
CA LEU A 130 -15.35 14.92 -7.78
C LEU A 130 -16.32 15.67 -8.69
N ASN A 131 -16.50 15.21 -9.94
CA ASN A 131 -17.30 15.98 -10.89
C ASN A 131 -18.75 16.14 -10.42
N SER A 132 -19.35 15.08 -9.87
CA SER A 132 -20.74 15.13 -9.46
C SER A 132 -21.00 16.18 -8.39
N ARG A 133 -19.98 16.57 -7.64
CA ARG A 133 -20.12 17.59 -6.61
C ARG A 133 -19.66 18.96 -7.08
N LEU A 134 -18.60 19.01 -7.90
CA LEU A 134 -17.99 20.26 -8.32
C LEU A 134 -18.82 20.95 -9.41
N VAL A 135 -19.29 20.18 -10.40
CA VAL A 135 -19.98 20.78 -11.54
C VAL A 135 -21.27 21.48 -11.12
N PRO A 136 -22.17 20.85 -10.34
CA PRO A 136 -23.36 21.60 -9.88
C PRO A 136 -23.01 22.85 -9.10
N PHE A 137 -22.05 22.77 -8.18
CA PHE A 137 -21.68 23.96 -7.42
C PHE A 137 -21.21 25.08 -8.34
N LEU A 138 -20.38 24.76 -9.34
CA LEU A 138 -19.89 25.78 -10.25
C LEU A 138 -21.02 26.38 -11.08
N LYS A 139 -21.89 25.53 -11.61
CA LYS A 139 -22.98 26.01 -12.45
C LYS A 139 -23.93 26.91 -11.67
N THR A 140 -24.26 26.53 -10.43
CA THR A 140 -25.29 27.29 -9.71
C THR A 140 -24.71 28.53 -9.03
N LEU A 141 -23.49 28.45 -8.51
CA LEU A 141 -23.00 29.47 -7.59
C LEU A 141 -21.74 30.20 -8.05
N SER A 142 -21.31 30.02 -9.28
CA SER A 142 -20.05 30.66 -9.62
C SER A 142 -20.12 31.37 -10.96
N PRO A 143 -19.30 32.42 -11.14
CA PRO A 143 -19.43 33.26 -12.32
C PRO A 143 -19.21 32.46 -13.60
N PRO A 144 -19.88 32.85 -14.68
CA PRO A 144 -19.55 32.30 -15.99
C PRO A 144 -18.20 32.84 -16.42
N LYS A 145 -17.41 31.98 -17.02
CA LYS A 145 -16.06 32.32 -17.49
C LYS A 145 -15.13 32.71 -16.34
N ALA A 146 -15.39 32.18 -15.14
CA ALA A 146 -14.51 32.43 -14.02
C ALA A 146 -13.12 31.83 -14.28
N ASP A 147 -12.14 32.37 -13.56
CA ASP A 147 -10.76 31.91 -13.68
C ASP A 147 -10.50 30.83 -12.64
N ILE A 148 -10.16 29.63 -13.10
CA ILE A 148 -9.98 28.47 -12.24
C ILE A 148 -8.53 28.03 -12.31
N LEU A 149 -7.93 27.79 -11.15
CA LEU A 149 -6.59 27.24 -11.07
C LEU A 149 -6.63 25.81 -10.56
N ILE A 150 -5.89 24.93 -11.23
CA ILE A 150 -5.91 23.50 -10.89
C ILE A 150 -4.50 23.05 -10.55
N PRO A 151 -4.11 23.08 -9.28
CA PRO A 151 -2.76 22.66 -8.90
C PRO A 151 -2.62 21.14 -9.00
N GLY A 152 -1.39 20.72 -9.34
CA GLY A 152 -1.09 19.32 -9.54
C GLY A 152 -2.04 18.65 -10.50
N CYS A 153 -2.24 19.28 -11.67
CA CYS A 153 -3.32 18.90 -12.57
C CYS A 153 -3.08 17.59 -13.31
N GLY A 154 -1.90 16.97 -13.17
CA GLY A 154 -1.66 15.69 -13.81
C GLY A 154 -1.55 15.81 -15.31
N THR A 155 -2.34 15.02 -16.06
CA THR A 155 -2.34 15.16 -17.52
C THR A 155 -3.43 16.08 -18.05
N GLY A 156 -4.30 16.62 -17.19
CA GLY A 156 -5.12 17.76 -17.55
C GLY A 156 -6.56 17.48 -17.99
N ARG A 157 -7.15 16.35 -17.61
CA ARG A 157 -8.53 16.06 -17.96
C ARG A 157 -9.49 17.07 -17.32
N LEU A 158 -9.31 17.36 -16.03
CA LEU A 158 -10.19 18.31 -15.37
C LEU A 158 -10.13 19.69 -16.03
N LEU A 159 -8.99 20.06 -16.63
CA LEU A 159 -8.93 21.31 -17.37
C LEU A 159 -9.82 21.27 -18.62
N VAL A 160 -9.84 20.14 -19.31
CA VAL A 160 -10.72 20.01 -20.48
C VAL A 160 -12.18 20.04 -20.06
N ASP A 161 -12.53 19.28 -19.02
CA ASP A 161 -13.91 19.24 -18.55
C ASP A 161 -14.39 20.63 -18.16
N LEU A 162 -13.60 21.36 -17.37
CA LEU A 162 -14.03 22.66 -16.89
C LEU A 162 -13.99 23.73 -17.98
N SER A 163 -12.97 23.69 -18.84
CA SER A 163 -12.91 24.66 -19.93
C SER A 163 -14.02 24.42 -20.95
N ARG A 164 -14.49 23.18 -21.08
CA ARG A 164 -15.61 22.92 -21.98
C ARG A 164 -16.91 23.51 -21.44
N MET A 165 -16.98 23.79 -20.14
CA MET A 165 -18.09 24.51 -19.52
C MET A 165 -17.95 26.03 -19.61
N GLY A 166 -16.90 26.54 -20.27
CA GLY A 166 -16.75 27.96 -20.44
C GLY A 166 -15.87 28.65 -19.43
N TYR A 167 -15.24 27.91 -18.53
CA TYR A 167 -14.34 28.50 -17.55
C TYR A 167 -12.94 28.59 -18.12
N ASN A 168 -12.21 29.60 -17.69
CA ASN A 168 -10.80 29.74 -18.05
C ASN A 168 -9.96 28.99 -17.03
N CYS A 169 -9.26 27.96 -17.49
CA CYS A 169 -8.59 26.99 -16.64
C CYS A 169 -7.09 27.06 -16.80
N GLU A 170 -6.40 27.31 -15.70
CA GLU A 170 -4.95 27.19 -15.62
C GLU A 170 -4.64 25.97 -14.75
N GLY A 171 -3.91 25.02 -15.33
CA GLY A 171 -3.36 23.91 -14.58
C GLY A 171 -1.92 24.20 -14.18
N ASN A 172 -1.49 23.57 -13.10
CA ASN A 172 -0.11 23.71 -12.63
C ASN A 172 0.42 22.31 -12.38
N GLU A 173 1.60 22.01 -12.92
CA GLU A 173 2.13 20.65 -12.77
C GLU A 173 3.65 20.71 -12.88
N PHE A 174 4.34 20.11 -11.92
CA PHE A 174 5.80 20.18 -11.90
C PHE A 174 6.50 18.90 -12.38
N SER A 175 5.75 17.85 -12.68
CA SER A 175 6.36 16.61 -13.15
C SER A 175 6.39 16.58 -14.67
N TYR A 176 7.57 16.35 -15.23
CA TYR A 176 7.67 16.32 -16.68
C TYR A 176 7.09 15.05 -17.30
N HIS A 177 7.00 13.95 -16.54
CA HIS A 177 6.21 12.80 -16.98
C HIS A 177 4.78 13.22 -17.29
N MET A 178 4.12 13.81 -16.29
CA MET A 178 2.76 14.33 -16.46
C MET A 178 2.70 15.34 -17.61
N LEU A 179 3.65 16.29 -17.65
CA LEU A 179 3.57 17.38 -18.62
C LEU A 179 3.69 16.88 -20.05
N LEU A 180 4.63 15.98 -20.31
CA LEU A 180 4.80 15.45 -21.65
C LEU A 180 3.57 14.67 -22.09
N VAL A 181 3.07 13.77 -21.24
CA VAL A 181 1.85 13.07 -21.63
C VAL A 181 0.71 14.06 -21.84
N SER A 182 0.67 15.11 -21.02
CA SER A 182 -0.41 16.09 -21.11
C SER A 182 -0.40 16.80 -22.45
N GLN A 183 0.75 17.36 -22.85
CA GLN A 183 0.81 18.01 -24.15
C GLN A 183 0.42 17.06 -25.27
N TYR A 184 0.76 15.77 -25.13
CA TYR A 184 0.30 14.81 -26.11
C TYR A 184 -1.22 14.69 -26.14
N MET A 185 -1.85 14.47 -24.97
CA MET A 185 -3.28 14.22 -24.95
C MET A 185 -4.10 15.46 -25.30
N LEU A 186 -3.59 16.65 -24.98
CA LEU A 186 -4.33 17.89 -25.19
C LEU A 186 -4.07 18.52 -26.55
N ASN A 187 -2.84 18.42 -27.07
CA ASN A 187 -2.44 19.24 -28.21
C ASN A 187 -2.10 18.45 -29.45
N ALA A 188 -1.93 17.14 -29.36
CA ALA A 188 -1.79 16.38 -30.59
C ALA A 188 -3.16 16.32 -31.27
N GLY A 189 -3.24 15.58 -32.36
CA GLY A 189 -4.52 15.52 -33.04
C GLY A 189 -5.28 14.24 -32.78
N LEU A 190 -5.34 13.80 -31.53
CA LEU A 190 -5.93 12.49 -31.22
C LEU A 190 -7.43 12.47 -31.43
N LEU A 191 -7.89 11.42 -32.10
CA LEU A 191 -9.31 11.12 -32.18
C LEU A 191 -9.70 10.25 -31.00
N GLN A 192 -10.95 10.38 -30.56
CA GLN A 192 -11.47 9.52 -29.50
C GLN A 192 -11.21 8.06 -29.81
N ASN A 193 -10.72 7.34 -28.79
CA ASN A 193 -10.50 5.88 -28.82
C ASN A 193 -9.44 5.46 -29.83
N GLN A 194 -8.53 6.37 -30.17
CA GLN A 194 -7.51 6.09 -31.18
C GLN A 194 -6.43 5.13 -30.67
N ILE A 195 -6.17 5.12 -29.35
CA ILE A 195 -5.04 4.40 -28.74
C ILE A 195 -5.55 3.22 -27.90
N ILE A 196 -4.88 2.08 -28.05
CA ILE A 196 -5.10 0.89 -27.21
C ILE A 196 -3.92 0.72 -26.28
N ILE A 197 -4.14 0.86 -24.97
CA ILE A 197 -3.11 0.55 -23.98
C ILE A 197 -3.60 -0.58 -23.06
N TYR A 198 -2.67 -1.14 -22.29
CA TYR A 198 -2.92 -2.24 -21.36
C TYR A 198 -2.43 -1.77 -20.01
N PRO A 199 -3.23 -0.97 -19.30
CA PRO A 199 -2.72 -0.21 -18.17
C PRO A 199 -2.61 -1.00 -16.86
N PHE A 200 -3.07 -2.26 -16.83
CA PHE A 200 -3.05 -3.01 -15.58
C PHE A 200 -1.96 -4.08 -15.51
N ILE A 201 -1.08 -4.16 -16.51
CA ILE A 201 -0.19 -5.32 -16.60
C ILE A 201 0.94 -5.29 -15.57
N HIS A 202 1.23 -4.16 -14.95
CA HIS A 202 2.26 -4.09 -13.93
C HIS A 202 1.73 -4.46 -12.54
N CYS A 203 0.45 -4.79 -12.42
CA CYS A 203 -0.14 -5.26 -11.17
C CYS A 203 -0.47 -6.74 -11.30
N PHE A 204 0.15 -7.56 -10.47
CA PHE A 204 -0.05 -9.00 -10.50
C PHE A 204 -0.92 -9.48 -9.36
N SER A 205 -1.47 -8.58 -8.58
CA SER A 205 -2.23 -8.95 -7.39
C SER A 205 -3.71 -8.72 -7.62
N HIS A 206 -4.51 -9.38 -6.77
CA HIS A 206 -5.94 -9.15 -6.57
C HIS A 206 -6.83 -9.65 -7.70
N TRP A 207 -6.31 -10.47 -8.63
CA TRP A 207 -7.09 -10.85 -9.80
C TRP A 207 -8.00 -12.04 -9.50
N LYS A 208 -9.28 -11.89 -9.81
CA LYS A 208 -10.19 -13.04 -9.86
C LYS A 208 -9.94 -13.87 -11.11
N LYS A 209 -9.80 -13.19 -12.24
CA LYS A 209 -9.51 -13.81 -13.52
C LYS A 209 -8.22 -13.17 -14.02
N ILE A 210 -7.25 -13.98 -14.45
CA ILE A 210 -5.98 -13.37 -14.84
C ILE A 210 -6.13 -12.59 -16.15
N GLU A 211 -7.11 -12.95 -16.98
CA GLU A 211 -7.33 -12.22 -18.23
C GLU A 211 -7.65 -10.75 -17.97
N ASP A 212 -8.26 -10.44 -16.82
CA ASP A 212 -8.55 -9.05 -16.51
C ASP A 212 -7.28 -8.22 -16.44
N GLN A 213 -6.15 -8.82 -16.06
CA GLN A 213 -4.90 -8.08 -15.99
C GLN A 213 -4.49 -7.58 -17.39
N LEU A 214 -4.88 -8.29 -18.44
CA LEU A 214 -4.54 -7.94 -19.82
C LEU A 214 -5.67 -7.22 -20.54
N SER A 215 -6.54 -6.53 -19.82
CA SER A 215 -7.66 -5.84 -20.43
C SER A 215 -7.18 -4.69 -21.32
N PRO A 216 -7.62 -4.62 -22.58
CA PRO A 216 -7.32 -3.45 -23.40
C PRO A 216 -8.20 -2.28 -23.01
N ILE A 217 -7.61 -1.09 -23.04
CA ILE A 217 -8.31 0.15 -22.70
C ILE A 217 -8.10 1.16 -23.82
N LYS A 218 -9.20 1.73 -24.32
CA LYS A 218 -9.17 2.76 -25.36
C LYS A 218 -9.09 4.14 -24.76
N VAL A 219 -8.18 4.94 -25.30
CA VAL A 219 -8.07 6.34 -24.92
C VAL A 219 -7.79 7.17 -26.19
N PRO A 220 -8.18 8.45 -26.19
CA PRO A 220 -8.97 9.13 -25.16
C PRO A 220 -10.47 8.96 -25.41
N ASP A 221 -11.26 9.04 -24.35
CA ASP A 221 -12.71 8.97 -24.53
C ASP A 221 -13.32 10.30 -24.92
N ILE A 222 -12.55 11.40 -24.89
CA ILE A 222 -13.02 12.70 -25.35
C ILE A 222 -11.92 13.37 -26.15
N GLU A 223 -12.35 14.11 -27.17
CA GLU A 223 -11.49 15.01 -27.92
C GLU A 223 -11.18 16.24 -27.08
N ALA A 224 -9.90 16.65 -27.06
CA ALA A 224 -9.56 17.89 -26.38
C ALA A 224 -9.88 19.09 -27.27
N TRP A 225 -9.39 19.08 -28.50
CA TRP A 225 -9.81 20.03 -29.51
C TRP A 225 -9.74 19.38 -30.90
N MET A 231 -16.73 28.14 -24.18
CA MET A 231 -15.44 27.45 -24.30
C MET A 231 -14.31 28.33 -23.75
N GLY A 232 -13.95 28.13 -22.49
CA GLY A 232 -12.86 28.87 -21.88
C GLY A 232 -11.52 28.44 -22.44
N SER A 233 -10.46 29.02 -21.87
CA SER A 233 -9.12 28.75 -22.36
C SER A 233 -8.40 27.83 -21.38
N MET A 234 -7.25 27.32 -21.81
CA MET A 234 -6.47 26.44 -20.96
C MET A 234 -5.01 26.82 -21.04
N SER A 235 -4.36 26.92 -19.89
CA SER A 235 -2.92 27.15 -19.82
C SER A 235 -2.36 26.32 -18.68
N ILE A 236 -1.02 26.26 -18.60
CA ILE A 236 -0.35 25.43 -17.60
C ILE A 236 0.94 26.11 -17.14
N CYS A 237 1.10 26.31 -15.83
CA CYS A 237 2.38 26.66 -15.23
C CYS A 237 3.15 25.37 -14.96
N ALA A 238 4.24 25.17 -15.71
CA ALA A 238 5.13 24.04 -15.50
C ALA A 238 6.09 24.42 -14.38
N GLY A 239 5.84 23.90 -13.19
CA GLY A 239 6.67 24.21 -12.05
C GLY A 239 5.92 23.95 -10.76
N SER A 240 6.62 24.21 -9.66
CA SER A 240 6.04 23.98 -8.34
C SER A 240 4.92 24.96 -8.06
N PHE A 241 3.88 24.47 -7.37
CA PHE A 241 2.69 25.28 -7.09
C PHE A 241 3.05 26.54 -6.30
N VAL A 242 3.76 26.37 -5.17
CA VAL A 242 4.12 27.50 -4.31
C VAL A 242 5.07 28.46 -5.02
N ASP A 243 5.94 27.92 -5.87
CA ASP A 243 6.86 28.75 -6.65
C ASP A 243 6.09 29.57 -7.70
N CYS A 244 5.12 28.97 -8.38
CA CYS A 244 4.37 29.70 -9.41
C CYS A 244 3.48 30.78 -8.80
N TYR A 245 2.83 30.49 -7.65
CA TYR A 245 1.75 31.35 -7.17
C TYR A 245 1.85 31.75 -5.71
N GLY A 246 2.97 31.50 -5.05
CA GLY A 246 3.06 31.77 -3.63
C GLY A 246 3.11 33.25 -3.30
N ARG A 247 3.09 33.52 -2.00
CA ARG A 247 3.35 34.87 -1.50
C ARG A 247 4.76 35.30 -1.86
N ASN A 248 4.95 36.60 -2.04
CA ASN A 248 6.27 37.11 -2.34
C ASN A 248 7.04 37.56 -1.09
N GLN A 249 6.40 37.60 0.08
CA GLN A 249 7.09 37.92 1.33
C GLN A 249 6.63 36.99 2.43
N GLY A 250 7.57 36.60 3.30
CA GLY A 250 7.26 35.74 4.43
C GLY A 250 7.31 34.25 4.17
N THR A 251 7.65 33.82 2.95
CA THR A 251 7.74 32.41 2.61
C THR A 251 9.20 31.97 2.58
N LYS A 252 9.52 30.89 3.30
CA LYS A 252 10.87 30.36 3.31
C LYS A 252 11.27 29.88 1.92
N ILE A 253 12.55 30.10 1.57
CA ILE A 253 13.07 29.63 0.29
C ILE A 253 13.46 28.16 0.49
N SER A 254 13.04 27.31 -0.43
CA SER A 254 13.20 25.88 -0.25
C SER A 254 13.38 25.24 -1.62
N SER A 255 13.23 23.92 -1.68
CA SER A 255 13.28 23.25 -2.97
C SER A 255 12.13 23.67 -3.86
N HIS A 256 10.96 23.91 -3.28
CA HIS A 256 9.74 24.24 -4.01
C HIS A 256 9.41 25.74 -4.01
N TYR A 257 10.34 26.59 -3.57
CA TYR A 257 10.15 28.04 -3.59
C TYR A 257 11.47 28.70 -3.95
N THR A 258 11.51 29.40 -5.07
CA THR A 258 12.70 30.09 -5.52
C THR A 258 12.44 31.60 -5.53
N PHE A 259 13.53 32.37 -5.55
CA PHE A 259 13.45 33.82 -5.49
C PHE A 259 13.99 34.52 -6.73
N SER A 260 14.12 33.81 -7.85
CA SER A 260 14.56 34.46 -9.08
C SER A 260 13.51 35.48 -9.52
N ARG A 261 13.96 36.47 -10.29
CA ARG A 261 13.07 37.56 -10.69
C ARG A 261 11.88 37.03 -11.47
N ARG A 262 12.11 35.97 -12.24
CA ARG A 262 11.02 35.27 -12.94
C ARG A 262 9.91 34.86 -11.98
N MET A 263 10.27 34.12 -10.92
CA MET A 263 9.25 33.57 -10.02
C MET A 263 8.64 34.66 -9.15
N GLN A 264 9.43 35.66 -8.76
CA GLN A 264 8.88 36.82 -8.06
C GLN A 264 7.85 37.50 -8.93
N LEU A 265 8.12 37.59 -10.22
CA LEU A 265 7.21 38.23 -11.16
C LEU A 265 5.91 37.44 -11.29
N SER A 266 6.03 36.12 -11.49
CA SER A 266 4.84 35.28 -11.63
C SER A 266 3.98 35.32 -10.38
N ARG A 267 4.62 35.33 -9.20
CA ARG A 267 3.86 35.43 -7.96
C ARG A 267 3.21 36.80 -7.80
N ALA A 268 3.87 37.85 -8.28
CA ALA A 268 3.27 39.19 -8.22
C ALA A 268 2.01 39.24 -9.07
N LYS A 269 2.08 38.73 -10.30
CA LYS A 269 0.88 38.69 -11.14
C LYS A 269 -0.13 37.64 -10.66
N ALA A 270 0.23 36.79 -9.71
CA ALA A 270 -0.65 35.72 -9.25
C ALA A 270 -1.65 36.15 -8.17
N GLU A 271 -1.33 37.16 -7.36
CA GLU A 271 -2.19 37.50 -6.24
C GLU A 271 -3.59 37.90 -6.70
N ASN A 272 -4.60 37.33 -6.05
CA ASN A 272 -6.01 37.65 -6.29
C ASN A 272 -6.31 37.65 -7.79
N SER A 273 -5.88 36.57 -8.44
CA SER A 273 -6.03 36.40 -9.88
C SER A 273 -7.00 35.27 -10.25
N LYS A 274 -7.51 34.50 -9.27
CA LYS A 274 -8.34 33.34 -9.56
C LYS A 274 -9.65 33.39 -8.78
N ASP A 275 -10.72 32.93 -9.43
CA ASP A 275 -12.01 32.77 -8.77
C ASP A 275 -12.14 31.42 -8.06
N VAL A 276 -11.53 30.37 -8.61
CA VAL A 276 -11.69 29.02 -8.07
C VAL A 276 -10.33 28.33 -8.06
N VAL A 277 -10.03 27.66 -6.96
CA VAL A 277 -8.90 26.74 -6.85
C VAL A 277 -9.47 25.34 -6.59
N VAL A 278 -9.09 24.38 -7.42
CA VAL A 278 -9.54 23.00 -7.28
C VAL A 278 -8.31 22.12 -7.06
N THR A 279 -8.16 21.62 -5.83
CA THR A 279 -7.10 20.68 -5.50
C THR A 279 -7.69 19.26 -5.47
N ASN A 280 -7.15 18.39 -6.32
CA ASN A 280 -7.72 17.07 -6.56
C ASN A 280 -6.58 16.07 -6.41
N PHE A 281 -6.56 15.34 -5.30
CA PHE A 281 -5.44 14.47 -4.95
C PHE A 281 -4.12 15.24 -4.95
N PHE A 282 -4.15 16.47 -4.39
CA PHE A 282 -2.98 17.35 -4.40
C PHE A 282 -2.57 17.85 -3.02
N ILE A 283 -3.52 18.13 -2.13
CA ILE A 283 -3.20 18.89 -0.93
C ILE A 283 -2.20 18.16 -0.02
N ASP A 284 -2.03 16.85 -0.21
CA ASP A 284 -1.17 16.03 0.62
C ASP A 284 0.17 15.71 -0.02
N THR A 285 0.50 16.34 -1.15
CA THR A 285 1.68 15.95 -1.91
C THR A 285 2.97 16.63 -1.45
N GLY A 286 2.90 17.69 -0.66
CA GLY A 286 4.06 18.48 -0.35
C GLY A 286 4.67 18.17 1.03
N SER A 287 5.84 18.76 1.25
CA SER A 287 6.52 18.68 2.55
C SER A 287 6.07 19.77 3.52
N ASN A 288 5.26 20.73 3.09
CA ASN A 288 4.76 21.78 3.99
C ASN A 288 3.37 22.21 3.49
N ILE A 289 2.33 21.59 4.06
CA ILE A 289 0.98 21.92 3.61
C ILE A 289 0.63 23.38 3.92
N LEU A 290 1.26 23.98 4.93
CA LEU A 290 0.97 25.38 5.24
C LEU A 290 1.40 26.30 4.11
N ASP A 291 2.47 25.96 3.40
CA ASP A 291 2.83 26.69 2.18
C ASP A 291 1.72 26.58 1.14
N TYR A 292 1.11 25.38 1.02
CA TYR A 292 -0.01 25.21 0.09
C TYR A 292 -1.17 26.11 0.46
N LEU A 293 -1.54 26.12 1.75
CA LEU A 293 -2.66 26.95 2.20
C LEU A 293 -2.35 28.43 1.98
N ASP A 294 -1.13 28.85 2.31
CA ASP A 294 -0.71 30.22 2.03
C ASP A 294 -0.89 30.56 0.55
N THR A 295 -0.50 29.63 -0.32
CA THR A 295 -0.59 29.89 -1.76
C THR A 295 -2.04 29.95 -2.23
N ILE A 296 -2.88 29.08 -1.70
CA ILE A 296 -4.29 29.11 -2.06
C ILE A 296 -4.93 30.44 -1.63
N GLY A 297 -4.68 30.84 -0.38
CA GLY A 297 -5.23 32.10 0.09
C GLY A 297 -4.69 33.28 -0.69
N HIS A 298 -3.43 33.22 -1.09
CA HIS A 298 -2.82 34.30 -1.85
C HIS A 298 -3.47 34.43 -3.24
N VAL A 299 -3.54 33.32 -3.98
CA VAL A 299 -3.93 33.39 -5.39
C VAL A 299 -5.43 33.64 -5.56
N LEU A 300 -6.25 33.35 -4.55
CA LEU A 300 -7.68 33.56 -4.64
C LEU A 300 -8.05 35.02 -4.35
N LYS A 301 -9.06 35.51 -5.08
CA LYS A 301 -9.70 36.79 -4.79
C LYS A 301 -10.57 36.68 -3.56
N PRO A 302 -10.92 37.80 -2.93
CA PRO A 302 -12.03 37.79 -1.96
C PRO A 302 -13.30 37.29 -2.65
N GLY A 303 -14.01 36.41 -1.96
CA GLY A 303 -15.14 35.76 -2.58
C GLY A 303 -14.79 34.58 -3.46
N GLY A 304 -13.51 34.23 -3.57
CA GLY A 304 -13.13 33.06 -4.34
C GLY A 304 -13.38 31.76 -3.60
N ILE A 305 -13.37 30.67 -4.36
CA ILE A 305 -13.75 29.34 -3.87
C ILE A 305 -12.55 28.41 -3.96
N TRP A 306 -12.25 27.72 -2.86
CA TRP A 306 -11.31 26.61 -2.86
C TRP A 306 -12.10 25.32 -2.71
N CYS A 307 -12.05 24.47 -3.72
CA CYS A 307 -12.63 23.14 -3.67
C CYS A 307 -11.51 22.12 -3.52
N ASN A 308 -11.63 21.27 -2.50
CA ASN A 308 -10.68 20.19 -2.30
C ASN A 308 -11.38 18.83 -2.31
N PHE A 309 -10.77 17.88 -3.01
CA PHE A 309 -11.21 16.49 -2.98
C PHE A 309 -10.00 15.57 -2.98
N GLY A 310 -9.96 14.64 -2.03
CA GLY A 310 -8.92 13.63 -2.05
C GLY A 310 -8.57 13.12 -0.68
N PRO A 311 -7.68 12.14 -0.61
CA PRO A 311 -7.24 11.63 0.69
C PRO A 311 -6.26 12.58 1.35
N LEU A 312 -5.90 12.24 2.58
CA LEU A 312 -4.79 12.89 3.27
C LEU A 312 -3.70 11.85 3.47
N LEU A 313 -3.08 11.46 2.34
CA LEU A 313 -1.98 10.49 2.31
C LEU A 313 -0.69 11.29 2.13
N TYR A 314 -0.02 11.59 3.23
CA TYR A 314 1.13 12.49 3.15
C TYR A 314 2.33 11.81 2.51
N HIS A 315 2.89 12.46 1.48
CA HIS A 315 3.87 11.79 0.62
C HIS A 315 5.22 11.63 1.33
N PHE A 316 5.56 12.52 2.26
CA PHE A 316 6.85 12.48 2.93
C PHE A 316 6.79 11.98 4.36
N GLU A 317 5.67 11.38 4.75
CA GLU A 317 5.47 10.93 6.13
C GLU A 317 6.57 9.99 6.60
N ASN A 318 7.09 9.15 5.69
CA ASN A 318 8.14 8.20 6.02
C ASN A 318 9.49 8.55 5.41
N ASP A 319 9.62 9.76 4.87
CA ASP A 319 10.89 10.24 4.30
C ASP A 319 11.68 10.92 5.41
N HIS A 320 12.83 10.36 5.77
CA HIS A 320 13.69 10.93 6.79
C HIS A 320 14.73 11.85 6.20
N GLY A 321 14.59 12.22 4.93
CA GLY A 321 15.48 13.18 4.34
C GLY A 321 15.26 14.58 4.86
N VAL A 322 16.24 15.43 4.60
CA VAL A 322 16.20 16.83 5.02
C VAL A 322 16.55 17.68 3.83
N GLU A 323 15.99 18.87 3.79
CA GLU A 323 16.34 19.81 2.74
C GLU A 323 16.94 21.06 3.38
N THR A 324 17.27 22.03 2.53
CA THR A 324 17.91 23.28 2.92
C THR A 324 17.01 24.47 2.62
N THR A 325 16.77 25.33 3.61
CA THR A 325 15.95 26.51 3.41
C THR A 325 16.64 27.73 4.02
N TYR A 326 16.48 28.89 3.38
CA TYR A 326 17.13 30.11 3.86
C TYR A 326 16.22 31.32 3.64
N GLU A 327 16.66 32.48 4.16
CA GLU A 327 15.94 33.75 4.04
C GLU A 327 16.81 34.80 3.35
N VAL A 328 16.12 35.77 2.75
CA VAL A 328 16.70 36.90 2.03
C VAL A 328 15.90 38.13 2.43
N ASN A 329 16.56 39.28 2.54
CA ASN A 329 15.87 40.48 3.02
C ASN A 329 14.73 41.04 2.13
N PRO A 330 14.98 41.33 0.83
CA PRO A 330 16.20 41.26 0.02
C PRO A 330 17.15 42.44 0.27
N ILE A 338 19.56 30.31 7.47
CA ILE A 338 19.84 29.15 6.62
C ILE A 338 19.82 27.89 7.48
N ASN A 339 19.04 26.89 7.05
CA ASN A 339 18.94 25.60 7.71
C ASN A 339 19.17 24.47 6.73
N ASP A 340 20.23 23.69 6.95
CA ASP A 340 20.56 22.54 6.11
C ASP A 340 19.90 21.26 6.60
N TYR A 341 19.12 21.35 7.66
CA TYR A 341 18.48 20.21 8.30
C TYR A 341 16.96 20.38 8.36
N THR A 342 16.32 20.88 7.29
CA THR A 342 14.89 21.05 7.32
C THR A 342 14.23 19.74 6.87
N PRO A 343 13.61 18.98 7.75
CA PRO A 343 13.08 17.68 7.33
C PRO A 343 11.90 17.83 6.39
N LEU A 344 11.73 16.82 5.54
CA LEU A 344 10.58 16.77 4.64
C LEU A 344 9.33 16.31 5.38
N MET A 345 9.49 15.38 6.34
CA MET A 345 8.33 14.91 7.09
C MET A 345 7.88 15.98 8.09
N GLY A 346 6.70 15.78 8.65
CA GLY A 346 6.12 16.71 9.58
C GLY A 346 4.93 17.46 8.98
N LEU A 347 4.12 18.03 9.88
CA LEU A 347 2.91 18.77 9.52
C LEU A 347 1.94 17.91 8.70
N GLU A 348 1.74 16.67 9.14
CA GLU A 348 0.72 15.77 8.61
C GLU A 348 -0.59 16.09 9.32
N LEU A 349 -1.30 17.08 8.81
CA LEU A 349 -2.45 17.64 9.50
C LEU A 349 -3.71 16.84 9.20
N SER A 350 -4.63 16.84 10.16
CA SER A 350 -5.92 16.21 9.96
C SER A 350 -6.86 17.13 9.17
N SER A 351 -7.92 16.52 8.65
CA SER A 351 -8.97 17.24 7.93
C SER A 351 -9.50 18.43 8.74
N ASP A 352 -9.89 18.18 9.99
CA ASP A 352 -10.41 19.25 10.84
C ASP A 352 -9.41 20.37 10.99
N ASP A 353 -8.12 20.03 11.16
CA ASP A 353 -7.12 21.06 11.39
C ASP A 353 -6.87 21.89 10.13
N ILE A 354 -6.91 21.26 8.95
CA ILE A 354 -6.76 22.02 7.71
C ILE A 354 -7.92 23.01 7.57
N ILE A 355 -9.15 22.53 7.74
CA ILE A 355 -10.31 23.40 7.59
C ILE A 355 -10.30 24.51 8.66
N SER A 356 -9.85 24.17 9.86
CA SER A 356 -9.80 25.15 10.94
C SER A 356 -8.71 26.20 10.71
N ILE A 357 -7.57 25.80 10.14
CA ILE A 357 -6.54 26.76 9.79
C ILE A 357 -7.05 27.69 8.69
N ALA A 358 -7.73 27.12 7.69
CA ALA A 358 -8.25 27.94 6.61
C ALA A 358 -9.25 28.97 7.13
N THR A 359 -10.17 28.54 7.98
CA THR A 359 -11.22 29.45 8.42
C THR A 359 -10.70 30.46 9.45
N ASN A 360 -9.88 30.00 10.39
CA ASN A 360 -9.51 30.79 11.55
C ASN A 360 -8.23 31.60 11.36
N HIS A 361 -7.43 31.31 10.34
CA HIS A 361 -6.22 32.07 10.10
C HIS A 361 -6.14 32.66 8.70
N LEU A 362 -6.95 32.19 7.75
CA LEU A 362 -6.84 32.65 6.37
C LEU A 362 -8.13 33.25 5.85
N ASP A 363 -9.04 33.67 6.74
CA ASP A 363 -10.22 34.46 6.36
C ASP A 363 -11.14 33.67 5.44
N PHE A 364 -11.24 32.37 5.67
CA PHE A 364 -12.12 31.50 4.90
C PHE A 364 -13.39 31.17 5.69
N GLU A 365 -14.45 30.86 4.94
CA GLU A 365 -15.71 30.38 5.51
C GLU A 365 -16.03 29.01 4.92
N LEU A 366 -16.32 28.04 5.78
CA LEU A 366 -16.65 26.69 5.31
C LEU A 366 -18.01 26.69 4.65
N ILE A 367 -18.07 26.17 3.42
CA ILE A 367 -19.29 26.18 2.62
C ILE A 367 -19.84 24.77 2.42
N ARG A 368 -18.97 23.80 2.11
CA ARG A 368 -19.39 22.42 1.92
C ARG A 368 -18.34 21.50 2.54
N ARG A 369 -18.79 20.32 2.99
CA ARG A 369 -17.86 19.35 3.54
C ARG A 369 -18.48 17.96 3.58
N GLU A 370 -17.68 16.96 3.21
CA GLU A 370 -18.02 15.55 3.32
C GLU A 370 -16.76 14.78 3.63
N SER A 371 -16.86 13.79 4.51
CA SER A 371 -15.72 12.94 4.84
C SER A 371 -16.03 11.49 4.47
N GLY A 372 -14.98 10.71 4.30
CA GLY A 372 -15.12 9.29 4.04
C GLY A 372 -15.83 8.94 2.75
N ILE A 373 -15.43 9.59 1.65
CA ILE A 373 -15.96 9.27 0.33
C ILE A 373 -15.02 8.28 -0.32
N LEU A 374 -15.41 7.01 -0.39
CA LEU A 374 -14.56 5.99 -0.99
C LEU A 374 -14.45 6.22 -2.49
N CYS A 375 -13.23 6.43 -2.99
CA CYS A 375 -13.05 6.61 -4.42
C CYS A 375 -11.71 6.02 -4.85
N GLY A 376 -11.70 5.37 -6.01
CA GLY A 376 -10.49 4.74 -6.49
C GLY A 376 -9.57 5.72 -7.19
N TYR A 377 -8.35 5.25 -7.47
CA TYR A 377 -7.38 6.03 -8.23
C TYR A 377 -6.78 5.08 -9.27
N GLY A 378 -7.20 5.21 -10.51
CA GLY A 378 -6.78 4.26 -11.54
C GLY A 378 -7.23 2.83 -11.28
N ARG A 379 -8.43 2.67 -10.72
CA ARG A 379 -8.87 1.35 -10.26
C ARG A 379 -9.46 0.52 -11.40
N TYR A 380 -8.97 -0.70 -11.55
CA TYR A 380 -9.61 -1.63 -12.46
C TYR A 380 -11.08 -1.78 -12.08
N ALA A 381 -11.94 -1.62 -13.08
CA ALA A 381 -13.38 -1.50 -12.85
C ALA A 381 -14.19 -2.57 -13.59
N GLY A 382 -13.53 -3.63 -14.07
CA GLY A 382 -14.17 -4.69 -14.80
C GLY A 382 -15.22 -5.43 -13.98
N PRO A 383 -15.95 -6.35 -14.63
CA PRO A 383 -17.08 -7.01 -13.95
C PRO A 383 -16.68 -7.80 -12.70
N GLU A 384 -15.51 -8.42 -12.70
CA GLU A 384 -15.06 -9.21 -11.56
C GLU A 384 -13.91 -8.55 -10.81
N SER A 385 -13.89 -7.22 -10.78
CA SER A 385 -12.78 -6.51 -10.15
C SER A 385 -12.67 -6.85 -8.66
N CYS A 386 -11.46 -7.19 -8.24
CA CYS A 386 -11.12 -7.27 -6.82
C CYS A 386 -9.96 -6.35 -6.49
N ALA A 387 -9.73 -5.34 -7.35
CA ALA A 387 -8.68 -4.35 -7.15
C ALA A 387 -8.87 -3.59 -5.84
N MET A 388 -7.77 -3.04 -5.34
CA MET A 388 -7.83 -2.24 -4.11
C MET A 388 -8.97 -1.22 -4.22
N PRO A 389 -9.83 -1.11 -3.20
CA PRO A 389 -11.03 -0.27 -3.34
C PRO A 389 -10.72 1.21 -3.53
N GLY A 390 -9.59 1.70 -3.01
CA GLY A 390 -9.29 3.10 -3.18
C GLY A 390 -9.02 3.81 -1.86
N TYR A 391 -9.39 5.09 -1.79
CA TYR A 391 -9.09 5.92 -0.64
C TYR A 391 -10.38 6.48 -0.06
N MET A 392 -10.36 6.70 1.26
CA MET A 392 -11.42 7.43 1.94
C MET A 392 -11.10 8.92 1.81
N CYS A 393 -11.83 9.58 0.93
CA CYS A 393 -11.53 10.94 0.52
C CYS A 393 -12.29 11.96 1.35
N HIS A 394 -11.67 13.13 1.50
CA HIS A 394 -12.27 14.30 2.11
C HIS A 394 -12.63 15.30 1.02
N TYR A 395 -13.75 15.99 1.23
CA TYR A 395 -14.26 16.96 0.27
C TYR A 395 -14.65 18.22 1.02
N TRP A 396 -14.24 19.37 0.51
CA TRP A 396 -14.73 20.60 1.12
C TRP A 396 -14.71 21.74 0.13
N ILE A 397 -15.59 22.70 0.38
CA ILE A 397 -15.66 23.97 -0.33
C ILE A 397 -15.53 25.06 0.71
N LEU A 398 -14.48 25.87 0.57
CA LEU A 398 -14.25 27.02 1.44
C LEU A 398 -14.29 28.30 0.60
N LYS A 399 -14.83 29.37 1.18
CA LYS A 399 -14.96 30.64 0.47
C LYS A 399 -14.10 31.71 1.15
N SER A 400 -13.22 32.32 0.37
CA SER A 400 -12.36 33.38 0.87
C SER A 400 -13.17 34.64 1.15
N ASN A 401 -12.72 35.40 2.15
CA ASN A 401 -13.36 36.67 2.42
C ASN A 401 -12.47 37.57 3.28
N GLN B 15 21.60 -22.04 19.59
CA GLN B 15 21.15 -22.47 18.27
C GLN B 15 20.92 -21.26 17.39
N ARG B 16 20.73 -21.48 16.08
CA ARG B 16 20.34 -20.39 15.20
C ARG B 16 19.02 -19.79 15.65
N GLU B 17 18.09 -20.65 16.08
CA GLU B 17 16.84 -20.21 16.69
C GLU B 17 17.10 -19.17 17.77
N ASN B 18 18.09 -19.44 18.62
CA ASN B 18 18.35 -18.56 19.75
C ASN B 18 18.92 -17.21 19.33
N LYS B 19 19.77 -17.20 18.30
CA LYS B 19 20.25 -15.92 17.77
C LYS B 19 19.08 -15.07 17.27
N ALA B 20 18.15 -15.69 16.53
CA ALA B 20 16.99 -14.95 16.05
C ALA B 20 16.15 -14.42 17.21
N VAL B 21 15.86 -15.28 18.19
CA VAL B 21 15.03 -14.88 19.33
C VAL B 21 15.69 -13.74 20.09
N ALA B 22 17.01 -13.81 20.27
CA ALA B 22 17.74 -12.73 20.94
C ALA B 22 17.56 -11.41 20.21
N ARG B 23 17.71 -11.45 18.88
CA ARG B 23 17.53 -10.22 18.10
C ARG B 23 16.13 -9.64 18.31
N VAL B 24 15.10 -10.49 18.32
CA VAL B 24 13.75 -9.97 18.50
C VAL B 24 13.57 -9.40 19.90
N ILE B 25 14.08 -10.09 20.93
CA ILE B 25 13.93 -9.58 22.29
C ILE B 25 14.60 -8.22 22.45
N ILE B 26 15.83 -8.10 21.94
CA ILE B 26 16.51 -6.80 22.03
C ILE B 26 15.72 -5.75 21.26
N SER B 27 15.18 -6.13 20.10
CA SER B 27 14.35 -5.22 19.32
C SER B 27 13.15 -4.73 20.14
N PHE B 28 12.51 -5.63 20.89
CA PHE B 28 11.43 -5.21 21.78
C PHE B 28 11.93 -4.22 22.81
N LEU B 29 13.10 -4.46 23.39
CA LEU B 29 13.60 -3.57 24.42
C LEU B 29 13.97 -2.20 23.86
N LYS B 30 14.27 -2.11 22.56
CA LYS B 30 14.72 -0.86 21.96
C LYS B 30 13.62 -0.12 21.20
N TYR B 31 12.37 -0.57 21.28
CA TYR B 31 11.30 0.09 20.55
C TYR B 31 11.24 1.59 20.84
N GLU B 32 11.30 1.99 22.11
CA GLU B 32 11.07 3.39 22.46
C GLU B 32 12.10 4.31 21.80
N GLU B 33 13.38 3.96 21.93
CA GLU B 33 14.42 4.77 21.33
C GLU B 33 14.23 4.85 19.81
N TYR B 34 13.97 3.72 19.15
CA TYR B 34 13.79 3.70 17.71
C TYR B 34 12.61 4.56 17.28
N ALA B 35 11.47 4.41 17.98
CA ALA B 35 10.27 5.17 17.62
C ALA B 35 10.46 6.66 17.82
N LEU B 36 11.13 7.04 18.92
CA LEU B 36 11.43 8.45 19.14
C LEU B 36 12.26 9.01 17.99
N LYS B 37 13.30 8.26 17.59
CA LYS B 37 14.13 8.70 16.47
C LYS B 37 13.34 8.77 15.18
N GLU B 38 12.43 7.82 14.96
CA GLU B 38 11.84 7.61 13.65
C GLU B 38 10.63 8.49 13.39
N ILE B 39 9.77 8.71 14.39
CA ILE B 39 8.54 9.45 14.18
C ILE B 39 8.45 10.73 15.00
N TYR B 40 9.32 10.93 16.00
CA TYR B 40 9.21 12.08 16.90
C TYR B 40 10.23 13.17 16.59
N ASN B 41 11.52 12.81 16.55
CA ASN B 41 12.57 13.82 16.51
C ASN B 41 12.42 14.77 15.32
N LEU B 42 12.34 14.22 14.10
CA LEU B 42 12.29 15.07 12.91
C LEU B 42 11.02 15.90 12.84
N ARG B 43 9.98 15.53 13.59
CA ARG B 43 8.77 16.35 13.63
C ARG B 43 8.92 17.52 14.61
N VAL B 44 9.67 17.31 15.70
CA VAL B 44 10.09 18.44 16.52
C VAL B 44 10.96 19.38 15.69
N LYS B 45 11.91 18.82 14.94
CA LYS B 45 12.78 19.65 14.12
C LYS B 45 11.99 20.36 13.02
N LYS B 46 11.00 19.69 12.45
CA LYS B 46 10.18 20.33 11.42
C LYS B 46 9.39 21.49 12.01
N TRP B 47 8.77 21.29 13.18
CA TRP B 47 8.10 22.41 13.82
C TRP B 47 9.08 23.56 14.07
N ALA B 48 10.25 23.24 14.62
CA ALA B 48 11.23 24.27 14.93
C ALA B 48 11.66 25.04 13.68
N SER B 49 11.65 24.38 12.52
CA SER B 49 12.19 24.99 11.31
C SER B 49 11.19 25.88 10.58
N ILE B 50 9.88 25.66 10.77
CA ILE B 50 8.92 26.50 10.05
C ILE B 50 8.91 27.90 10.67
N SER B 51 8.42 28.86 9.90
CA SER B 51 8.42 30.25 10.34
C SER B 51 7.48 30.42 11.54
N ASP B 52 7.77 31.43 12.38
CA ASP B 52 6.90 31.72 13.51
C ASP B 52 5.48 31.97 13.02
N ARG B 53 5.37 32.61 11.85
CA ARG B 53 4.09 32.84 11.23
C ARG B 53 3.35 31.53 11.00
N GLN B 54 4.03 30.53 10.45
CA GLN B 54 3.39 29.24 10.25
C GLN B 54 3.20 28.48 11.56
N LYS B 55 4.13 28.63 12.52
CA LYS B 55 3.92 28.07 13.86
C LYS B 55 2.59 28.51 14.46
N ASP B 56 2.25 29.79 14.33
CA ASP B 56 0.98 30.26 14.85
C ASP B 56 -0.24 29.64 14.18
N MET B 57 -0.09 29.12 12.97
CA MET B 57 -1.23 28.42 12.37
C MET B 57 -1.49 27.07 13.04
N VAL B 58 -0.49 26.47 13.67
CA VAL B 58 -0.65 25.18 14.34
C VAL B 58 -0.22 25.33 15.80
N PRO B 59 -0.96 26.10 16.61
CA PRO B 59 -0.44 26.42 17.95
C PRO B 59 -0.34 25.22 18.87
N ASN B 60 -1.12 24.17 18.64
CA ASN B 60 -1.14 23.00 19.51
C ASN B 60 -0.18 21.91 19.06
N TYR B 61 0.72 22.20 18.11
CA TYR B 61 1.55 21.13 17.57
C TYR B 61 2.48 20.57 18.64
N THR B 62 3.05 21.44 19.49
CA THR B 62 4.00 20.95 20.50
C THR B 62 3.31 20.10 21.55
N LYS B 63 2.07 20.45 21.93
CA LYS B 63 1.31 19.60 22.84
C LYS B 63 1.04 18.25 22.20
N TYR B 64 0.73 18.26 20.90
CA TYR B 64 0.55 17.02 20.16
C TYR B 64 1.81 16.18 20.23
N LEU B 65 2.99 16.78 20.00
CA LEU B 65 4.23 16.01 20.04
C LEU B 65 4.52 15.48 21.43
N ALA B 66 4.16 16.22 22.48
CA ALA B 66 4.30 15.69 23.83
C ALA B 66 3.41 14.46 24.02
N ASN B 67 2.17 14.54 23.54
CA ASN B 67 1.28 13.38 23.65
C ASN B 67 1.80 12.19 22.84
N LEU B 68 2.39 12.45 21.67
CA LEU B 68 2.95 11.39 20.84
C LEU B 68 4.12 10.71 21.54
N LYS B 69 4.95 11.50 22.23
CA LYS B 69 6.04 10.95 23.02
C LYS B 69 5.53 10.08 24.17
N ALA B 70 4.51 10.57 24.89
CA ALA B 70 3.92 9.75 25.95
C ALA B 70 3.39 8.44 25.40
N ALA B 71 2.70 8.48 24.25
CA ALA B 71 2.18 7.25 23.64
C ALA B 71 3.30 6.30 23.28
N ILE B 72 4.40 6.81 22.69
CA ILE B 72 5.54 5.95 22.40
C ILE B 72 6.04 5.27 23.67
N ILE B 73 6.12 6.00 24.78
CA ILE B 73 6.59 5.42 26.04
C ILE B 73 5.66 4.30 26.50
N GLU B 74 4.34 4.50 26.39
CA GLU B 74 3.40 3.43 26.76
C GLU B 74 3.62 2.18 25.90
N ASN B 75 3.73 2.36 24.58
CA ASN B 75 3.97 1.21 23.71
C ASN B 75 5.26 0.50 24.09
N GLY B 76 6.29 1.28 24.45
CA GLY B 76 7.52 0.70 24.94
C GLY B 76 7.32 -0.16 26.18
N LYS B 77 6.43 0.27 27.08
CA LYS B 77 6.10 -0.56 28.23
C LYS B 77 5.51 -1.90 27.80
N PHE B 78 4.62 -1.89 26.80
CA PHE B 78 4.09 -3.16 26.32
C PHE B 78 5.20 -4.08 25.81
N PHE B 79 6.04 -3.58 24.90
CA PHE B 79 7.06 -4.44 24.31
C PHE B 79 8.06 -4.93 25.35
N ARG B 80 8.37 -4.09 26.33
CA ARG B 80 9.27 -4.50 27.40
C ARG B 80 8.66 -5.62 28.23
N SER B 81 7.36 -5.53 28.53
CA SER B 81 6.72 -6.62 29.26
C SER B 81 6.77 -7.93 28.46
N VAL B 82 6.52 -7.88 27.14
CA VAL B 82 6.63 -9.10 26.32
C VAL B 82 8.04 -9.65 26.36
N ALA B 83 9.04 -8.78 26.30
CA ALA B 83 10.43 -9.24 26.30
C ALA B 83 10.78 -9.92 27.62
N GLU B 84 10.39 -9.31 28.73
CA GLU B 84 10.71 -9.90 30.02
C GLU B 84 10.04 -11.25 30.16
N TYR B 85 8.78 -11.35 29.72
CA TYR B 85 8.11 -12.64 29.74
C TYR B 85 8.88 -13.68 28.96
N ALA B 86 9.34 -13.32 27.75
CA ALA B 86 10.14 -14.29 26.99
C ALA B 86 11.42 -14.63 27.73
N LEU B 87 12.02 -13.64 28.40
CA LEU B 87 13.28 -13.86 29.09
C LEU B 87 13.14 -14.76 30.30
N GLN B 88 11.93 -15.01 30.78
CA GLN B 88 11.82 -15.91 31.90
C GLN B 88 12.01 -17.37 31.51
N SER B 89 12.16 -17.67 30.21
CA SER B 89 12.27 -19.06 29.79
C SER B 89 13.34 -19.33 28.73
N ILE B 90 14.14 -18.35 28.34
CA ILE B 90 15.22 -18.56 27.37
C ILE B 90 16.56 -18.18 28.01
N SER B 91 17.52 -19.11 27.89
CA SER B 91 18.89 -18.94 28.37
C SER B 91 19.80 -18.89 27.15
N PHE B 92 20.51 -17.79 26.99
CA PHE B 92 21.35 -17.58 25.82
C PHE B 92 22.74 -18.18 25.99
N GLU B 93 23.62 -17.82 25.07
CA GLU B 93 25.06 -17.90 25.19
C GLU B 93 25.60 -16.51 24.91
N PRO B 94 26.81 -16.20 25.38
CA PRO B 94 27.41 -14.92 24.95
C PRO B 94 27.39 -14.75 23.43
N GLY B 95 27.65 -15.82 22.67
CA GLY B 95 27.63 -15.72 21.22
C GLY B 95 26.25 -15.60 20.61
N GLU B 96 25.22 -16.03 21.33
CA GLU B 96 23.88 -16.03 20.74
C GLU B 96 23.15 -14.70 20.88
N ILE B 97 23.77 -13.68 21.46
CA ILE B 97 23.12 -12.38 21.65
C ILE B 97 23.62 -11.45 20.54
N VAL B 98 22.82 -11.30 19.49
CA VAL B 98 23.08 -10.43 18.35
C VAL B 98 22.10 -9.25 18.36
N GLN B 99 22.60 -8.08 17.93
CA GLN B 99 21.80 -6.86 17.92
C GLN B 99 20.80 -6.87 16.76
N PRO B 100 19.64 -6.24 16.94
CA PRO B 100 18.65 -6.12 15.86
C PRO B 100 19.04 -5.08 14.82
N ASN B 101 18.67 -5.35 13.57
CA ASN B 101 18.86 -4.39 12.49
C ASN B 101 17.59 -3.55 12.34
N ASP B 102 17.54 -2.71 11.31
CA ASP B 102 16.40 -1.80 11.13
C ASP B 102 15.13 -2.52 10.70
N LEU B 103 15.26 -3.65 9.98
CA LEU B 103 14.08 -4.42 9.61
C LEU B 103 13.41 -5.03 10.82
N ASP B 104 14.21 -5.52 11.79
CA ASP B 104 13.67 -5.99 13.05
C ASP B 104 12.88 -4.89 13.76
N MET B 105 13.43 -3.66 13.78
CA MET B 105 12.74 -2.57 14.46
C MET B 105 11.43 -2.22 13.77
N SER B 106 11.42 -2.19 12.43
CA SER B 106 10.17 -1.92 11.70
C SER B 106 9.13 -3.01 11.97
N LYS B 107 9.55 -4.27 11.95
CA LYS B 107 8.62 -5.35 12.28
C LYS B 107 8.04 -5.16 13.68
N THR B 108 8.88 -4.76 14.63
CA THR B 108 8.40 -4.51 15.98
C THR B 108 7.37 -3.39 16.00
N CYS B 109 7.63 -2.31 15.26
CA CYS B 109 6.62 -1.25 15.20
C CYS B 109 5.30 -1.77 14.60
N SER B 110 5.37 -2.61 13.56
CA SER B 110 4.14 -3.12 12.95
C SER B 110 3.39 -4.14 13.82
N LEU B 111 4.08 -4.73 14.82
CA LEU B 111 3.37 -5.58 15.76
C LEU B 111 2.25 -4.83 16.48
N LEU B 112 2.37 -3.52 16.65
CA LEU B 112 1.28 -2.75 17.26
C LEU B 112 -0.01 -2.91 16.46
N THR B 113 0.09 -2.81 15.13
CA THR B 113 -1.05 -3.06 14.26
C THR B 113 -1.54 -4.49 14.39
N GLN B 114 -0.62 -5.45 14.44
CA GLN B 114 -1.04 -6.84 14.58
C GLN B 114 -1.81 -7.07 15.89
N VAL B 115 -1.32 -6.50 17.00
CA VAL B 115 -1.95 -6.66 18.31
C VAL B 115 -3.31 -6.00 18.34
N TYR B 116 -3.42 -4.80 17.77
CA TYR B 116 -4.71 -4.15 17.63
C TYR B 116 -5.69 -5.06 16.89
N ARG B 117 -5.26 -5.61 15.75
CA ARG B 117 -6.14 -6.42 14.93
C ARG B 117 -6.59 -7.68 15.67
N GLU B 118 -5.67 -8.32 16.38
CA GLU B 118 -6.00 -9.63 16.89
C GLU B 118 -6.55 -9.61 18.31
N TRP B 119 -6.40 -8.50 19.06
CA TRP B 119 -6.70 -8.54 20.48
C TRP B 119 -7.51 -7.35 20.99
N SER B 120 -8.08 -6.51 20.11
CA SER B 120 -8.89 -5.39 20.56
C SER B 120 -10.37 -5.64 20.25
N ALA B 121 -11.24 -5.00 21.03
CA ALA B 121 -12.67 -5.04 20.73
C ALA B 121 -13.01 -4.20 19.50
N GLU B 122 -12.25 -3.12 19.25
CA GLU B 122 -12.56 -2.26 18.11
C GLU B 122 -12.39 -3.01 16.78
N ALA B 123 -11.55 -4.04 16.75
CA ALA B 123 -11.30 -4.78 15.53
C ALA B 123 -12.19 -6.02 15.39
N ILE B 124 -13.28 -6.09 16.15
CA ILE B 124 -14.11 -7.29 16.14
C ILE B 124 -14.74 -7.53 14.77
N SER B 125 -15.30 -6.50 14.12
CA SER B 125 -15.98 -6.74 12.85
C SER B 125 -15.01 -7.17 11.77
N GLU B 126 -13.81 -6.58 11.76
CA GLU B 126 -12.74 -7.01 10.87
C GLU B 126 -12.43 -8.49 11.03
N ARG B 127 -12.40 -9.00 12.28
CA ARG B 127 -12.22 -10.44 12.50
C ARG B 127 -13.48 -11.22 12.13
N ASN B 128 -14.64 -10.55 12.15
CA ASN B 128 -15.89 -11.23 11.86
C ASN B 128 -16.10 -11.47 10.38
N CYS B 129 -15.39 -10.75 9.51
CA CYS B 129 -15.38 -11.13 8.10
C CYS B 129 -15.16 -12.63 7.94
N LEU B 130 -14.11 -13.16 8.56
CA LEU B 130 -13.86 -14.59 8.46
C LEU B 130 -14.74 -15.37 9.43
N ASN B 131 -14.86 -14.92 10.69
CA ASN B 131 -15.53 -15.76 11.67
C ASN B 131 -17.00 -15.99 11.30
N SER B 132 -17.68 -14.94 10.84
CA SER B 132 -19.10 -15.03 10.50
C SER B 132 -19.35 -16.04 9.39
N ARG B 133 -18.35 -16.38 8.60
CA ARG B 133 -18.52 -17.39 7.56
C ARG B 133 -18.01 -18.75 7.97
N LEU B 134 -16.88 -18.80 8.68
CA LEU B 134 -16.24 -20.07 9.01
C LEU B 134 -16.93 -20.77 10.18
N VAL B 135 -17.30 -20.01 11.21
CA VAL B 135 -17.83 -20.57 12.44
C VAL B 135 -19.16 -21.27 12.23
N PRO B 136 -20.16 -20.68 11.54
CA PRO B 136 -21.40 -21.45 11.27
C PRO B 136 -21.13 -22.75 10.53
N PHE B 137 -20.26 -22.67 9.50
CA PHE B 137 -19.90 -23.86 8.73
C PHE B 137 -19.29 -24.94 9.62
N LEU B 138 -18.34 -24.57 10.48
CA LEU B 138 -17.71 -25.55 11.36
C LEU B 138 -18.70 -26.13 12.35
N LYS B 139 -19.53 -25.27 12.96
CA LYS B 139 -20.46 -25.75 13.98
C LYS B 139 -21.44 -26.75 13.39
N THR B 140 -21.93 -26.49 12.18
CA THR B 140 -22.96 -27.34 11.60
C THR B 140 -22.41 -28.54 10.83
N LEU B 141 -21.32 -28.39 10.07
CA LEU B 141 -20.97 -29.41 9.10
C LEU B 141 -19.63 -30.09 9.28
N SER B 142 -18.86 -29.76 10.30
CA SER B 142 -17.53 -30.32 10.49
C SER B 142 -17.46 -30.76 11.95
N PRO B 143 -16.70 -31.80 12.26
CA PRO B 143 -16.82 -32.44 13.59
C PRO B 143 -16.05 -31.68 14.67
N PRO B 144 -16.73 -30.93 15.55
CA PRO B 144 -15.95 -30.66 16.76
C PRO B 144 -16.10 -31.89 17.66
N LYS B 145 -15.03 -32.45 18.25
CA LYS B 145 -13.67 -31.97 18.11
C LYS B 145 -13.02 -32.46 16.81
N ALA B 146 -12.27 -31.57 16.17
CA ALA B 146 -11.51 -31.86 14.95
C ALA B 146 -10.13 -31.25 15.09
N ASP B 147 -9.19 -31.76 14.30
CA ASP B 147 -7.83 -31.25 14.28
C ASP B 147 -7.71 -30.20 13.18
N ILE B 148 -7.43 -28.96 13.58
CA ILE B 148 -7.36 -27.82 12.69
C ILE B 148 -5.93 -27.31 12.67
N LEU B 149 -5.43 -27.05 11.47
CA LEU B 149 -4.12 -26.44 11.27
C LEU B 149 -4.30 -25.02 10.76
N ILE B 150 -3.57 -24.08 11.34
CA ILE B 150 -3.68 -22.67 10.97
C ILE B 150 -2.31 -22.15 10.54
N PRO B 151 -1.99 -22.18 9.24
CA PRO B 151 -0.69 -21.68 8.80
C PRO B 151 -0.61 -20.16 8.87
N GLY B 152 0.58 -19.65 9.19
CA GLY B 152 0.77 -18.22 9.34
C GLY B 152 -0.19 -17.58 10.32
N CYS B 153 -0.27 -18.14 11.53
CA CYS B 153 -1.29 -17.77 12.50
C CYS B 153 -1.04 -16.42 13.18
N GLY B 154 0.09 -15.76 12.93
CA GLY B 154 0.29 -14.43 13.53
C GLY B 154 0.48 -14.53 15.05
N THR B 155 -0.25 -13.72 15.82
CA THR B 155 -0.16 -13.85 17.28
C THR B 155 -1.20 -14.81 17.84
N GLY B 156 -2.07 -15.36 17.00
CA GLY B 156 -2.83 -16.54 17.36
C GLY B 156 -4.23 -16.33 17.86
N ARG B 157 -4.89 -15.24 17.50
CA ARG B 157 -6.28 -15.04 17.96
C ARG B 157 -7.18 -16.16 17.47
N LEU B 158 -7.07 -16.51 16.18
CA LEU B 158 -7.95 -17.54 15.63
C LEU B 158 -7.80 -18.86 16.34
N LEU B 159 -6.59 -19.16 16.83
CA LEU B 159 -6.37 -20.39 17.58
C LEU B 159 -7.13 -20.38 18.90
N VAL B 160 -7.20 -19.20 19.54
CA VAL B 160 -7.98 -19.06 20.75
C VAL B 160 -9.46 -19.26 20.46
N ASP B 161 -10.00 -18.56 19.46
CA ASP B 161 -11.42 -18.68 19.16
C ASP B 161 -11.80 -20.12 18.82
N LEU B 162 -11.05 -20.75 17.93
CA LEU B 162 -11.43 -22.08 17.48
C LEU B 162 -11.20 -23.11 18.58
N SER B 163 -10.10 -23.01 19.33
CA SER B 163 -9.87 -23.98 20.40
C SER B 163 -10.91 -23.81 21.50
N ARG B 164 -11.42 -22.60 21.67
CA ARG B 164 -12.51 -22.41 22.62
C ARG B 164 -13.81 -23.00 22.11
N MET B 165 -13.94 -23.23 20.81
CA MET B 165 -15.11 -24.02 20.41
C MET B 165 -14.90 -25.52 20.60
N GLY B 166 -13.77 -25.95 21.15
CA GLY B 166 -13.51 -27.36 21.36
C GLY B 166 -12.64 -28.03 20.32
N TYR B 167 -12.06 -27.28 19.37
CA TYR B 167 -11.20 -27.89 18.36
C TYR B 167 -9.76 -28.00 18.85
N ASN B 168 -9.07 -29.01 18.33
CA ASN B 168 -7.63 -29.13 18.56
C ASN B 168 -6.94 -28.29 17.49
N CYS B 169 -6.31 -27.19 17.90
CA CYS B 169 -5.80 -26.20 16.97
C CYS B 169 -4.30 -26.16 17.03
N GLU B 170 -3.67 -26.42 15.90
CA GLU B 170 -2.25 -26.23 15.72
C GLU B 170 -2.04 -25.01 14.83
N GLY B 171 -1.34 -24.01 15.35
CA GLY B 171 -0.89 -22.89 14.55
C GLY B 171 0.51 -23.13 14.05
N ASN B 172 0.84 -22.47 12.95
CA ASN B 172 2.16 -22.55 12.33
C ASN B 172 2.60 -21.12 12.06
N GLU B 173 3.82 -20.78 12.47
CA GLU B 173 4.28 -19.40 12.31
C GLU B 173 5.80 -19.36 12.29
N PHE B 174 6.39 -18.67 11.31
CA PHE B 174 7.85 -18.63 11.23
C PHE B 174 8.48 -17.31 11.72
N SER B 175 7.68 -16.31 12.09
CA SER B 175 8.22 -15.04 12.56
C SER B 175 8.34 -15.04 14.08
N TYR B 176 9.54 -14.79 14.58
CA TYR B 176 9.73 -14.79 16.04
C TYR B 176 9.14 -13.55 16.70
N HIS B 177 9.01 -12.44 15.97
CA HIS B 177 8.20 -11.32 16.45
C HIS B 177 6.79 -11.79 16.82
N MET B 178 6.12 -12.42 15.83
CA MET B 178 4.78 -12.97 16.05
C MET B 178 4.78 -13.99 17.19
N LEU B 179 5.75 -14.90 17.20
CA LEU B 179 5.73 -15.97 18.19
C LEU B 179 5.88 -15.43 19.61
N LEU B 180 6.81 -14.49 19.82
CA LEU B 180 7.02 -13.93 21.16
C LEU B 180 5.78 -13.18 21.65
N VAL B 181 5.19 -12.34 20.78
CA VAL B 181 3.93 -11.70 21.19
C VAL B 181 2.86 -12.75 21.46
N SER B 182 2.85 -13.81 20.66
CA SER B 182 1.81 -14.82 20.78
C SER B 182 1.88 -15.52 22.13
N GLN B 183 3.08 -16.00 22.51
CA GLN B 183 3.21 -16.67 23.80
C GLN B 183 2.83 -15.73 24.94
N TYR B 184 3.12 -14.43 24.79
CA TYR B 184 2.65 -13.48 25.80
C TYR B 184 1.12 -13.43 25.86
N MET B 185 0.46 -13.21 24.72
CA MET B 185 -0.99 -13.03 24.75
C MET B 185 -1.71 -14.31 25.14
N LEU B 186 -1.14 -15.48 24.84
CA LEU B 186 -1.85 -16.70 25.15
C LEU B 186 -1.61 -17.21 26.56
N ASN B 187 -0.41 -17.02 27.11
CA ASN B 187 -0.03 -17.76 28.32
C ASN B 187 0.32 -16.91 29.54
N ALA B 188 0.49 -15.60 29.39
CA ALA B 188 0.87 -14.73 30.49
C ALA B 188 -0.24 -14.50 31.52
N GLY B 189 -1.47 -14.95 31.26
CA GLY B 189 -2.54 -14.70 32.21
C GLY B 189 -3.02 -13.27 32.26
N LEU B 190 -3.12 -12.62 31.11
CA LEU B 190 -3.56 -11.23 31.03
C LEU B 190 -5.04 -11.13 31.41
N LEU B 191 -5.39 -10.05 32.08
CA LEU B 191 -6.79 -9.75 32.33
C LEU B 191 -7.36 -8.97 31.15
N GLN B 192 -8.66 -9.17 30.92
CA GLN B 192 -9.37 -8.39 29.90
C GLN B 192 -9.16 -6.90 30.11
N ASN B 193 -8.74 -6.20 29.04
CA ASN B 193 -8.53 -4.75 29.06
C ASN B 193 -7.39 -4.34 29.99
N GLN B 194 -6.45 -5.26 30.25
CA GLN B 194 -5.37 -4.95 31.18
C GLN B 194 -4.40 -3.93 30.60
N ILE B 195 -4.16 -3.96 29.29
CA ILE B 195 -3.07 -3.19 28.69
C ILE B 195 -3.66 -2.07 27.83
N ILE B 196 -3.10 -0.88 27.94
CA ILE B 196 -3.44 0.23 27.06
C ILE B 196 -2.25 0.48 26.14
N ILE B 197 -2.48 0.36 24.82
CA ILE B 197 -1.46 0.64 23.82
C ILE B 197 -1.99 1.74 22.90
N TYR B 198 -1.09 2.27 22.07
CA TYR B 198 -1.43 3.35 21.13
C TYR B 198 -0.99 2.91 19.74
N PRO B 199 -1.79 2.08 19.08
CA PRO B 199 -1.29 1.36 17.90
C PRO B 199 -1.36 2.15 16.59
N PHE B 200 -1.92 3.37 16.59
CA PHE B 200 -2.06 4.14 15.36
C PHE B 200 -1.07 5.29 15.28
N ILE B 201 -0.13 5.40 16.22
CA ILE B 201 0.73 6.58 16.26
C ILE B 201 1.80 6.57 15.17
N HIS B 202 2.07 5.42 14.55
CA HIS B 202 3.02 5.39 13.44
C HIS B 202 2.36 5.71 12.10
N CYS B 203 1.06 5.97 12.06
CA CYS B 203 0.38 6.37 10.84
C CYS B 203 -0.07 7.81 10.97
N PHE B 204 0.47 8.69 10.13
CA PHE B 204 0.18 10.12 10.21
C PHE B 204 -0.80 10.58 9.14
N SER B 205 -1.38 9.66 8.37
CA SER B 205 -2.25 9.96 7.26
C SER B 205 -3.71 9.68 7.60
N HIS B 206 -4.60 10.30 6.80
CA HIS B 206 -6.03 10.03 6.69
C HIS B 206 -6.87 10.50 7.88
N TRP B 207 -6.32 11.30 8.78
CA TRP B 207 -7.04 11.61 10.02
C TRP B 207 -8.05 12.73 9.82
N LYS B 208 -9.31 12.48 10.21
CA LYS B 208 -10.28 13.57 10.29
C LYS B 208 -10.00 14.45 11.49
N LYS B 209 -9.76 13.84 12.64
CA LYS B 209 -9.33 14.52 13.85
C LYS B 209 -8.04 13.88 14.30
N ILE B 210 -7.02 14.70 14.62
CA ILE B 210 -5.71 14.15 14.95
C ILE B 210 -5.73 13.40 16.27
N GLU B 211 -6.67 13.69 17.17
CA GLU B 211 -6.76 12.98 18.43
C GLU B 211 -7.01 11.49 18.21
N ASP B 212 -7.65 11.14 17.09
CA ASP B 212 -7.88 9.73 16.78
C ASP B 212 -6.56 8.98 16.62
N GLN B 213 -5.50 9.64 16.12
CA GLN B 213 -4.22 8.96 15.96
C GLN B 213 -3.66 8.53 17.31
N LEU B 214 -3.97 9.29 18.35
CA LEU B 214 -3.54 8.98 19.71
C LEU B 214 -4.62 8.24 20.49
N SER B 215 -5.49 7.51 19.79
CA SER B 215 -6.54 6.78 20.48
C SER B 215 -5.93 5.68 21.35
N PRO B 216 -6.31 5.59 22.62
CA PRO B 216 -5.87 4.45 23.43
C PRO B 216 -6.70 3.22 23.09
N ILE B 217 -6.05 2.07 23.05
CA ILE B 217 -6.73 0.82 22.75
C ILE B 217 -6.39 -0.18 23.85
N LYS B 218 -7.42 -0.76 24.44
CA LYS B 218 -7.22 -1.75 25.49
C LYS B 218 -7.17 -3.13 24.86
N VAL B 219 -6.19 -3.92 25.29
CA VAL B 219 -6.05 -5.32 24.89
C VAL B 219 -5.70 -6.14 26.15
N PRO B 220 -6.07 -7.43 26.19
CA PRO B 220 -6.92 -8.13 25.21
C PRO B 220 -8.40 -7.89 25.51
N ASP B 221 -9.25 -8.00 24.49
CA ASP B 221 -10.69 -7.86 24.64
C ASP B 221 -11.36 -9.11 25.19
N ILE B 222 -10.60 -10.18 25.46
CA ILE B 222 -11.17 -11.41 26.00
C ILE B 222 -10.35 -11.89 27.18
N GLU B 223 -11.02 -12.61 28.09
CA GLU B 223 -10.42 -13.15 29.29
C GLU B 223 -9.70 -14.46 29.00
N ALA B 224 -8.87 -14.89 29.96
CA ALA B 224 -8.17 -16.16 29.86
C ALA B 224 -9.11 -17.33 30.10
N TRP B 225 -8.90 -18.40 29.33
CA TRP B 225 -9.60 -19.67 29.41
C TRP B 225 -8.57 -20.78 29.22
N SER B 226 -8.72 -21.83 30.00
CA SER B 226 -7.75 -22.91 29.96
C SER B 226 -7.88 -23.72 28.67
N SER B 227 -6.73 -24.20 28.19
CA SER B 227 -6.66 -25.26 27.20
C SER B 227 -6.72 -26.59 27.94
N ASN B 228 -7.76 -27.38 27.66
CA ASN B 228 -8.02 -28.60 28.41
C ASN B 228 -7.91 -29.80 27.48
N LYS B 229 -7.19 -30.83 27.93
CA LYS B 229 -7.04 -32.05 27.16
C LYS B 229 -8.40 -32.67 26.90
N GLY B 230 -8.64 -33.09 25.67
CA GLY B 230 -9.92 -33.61 25.27
C GLY B 230 -11.00 -32.59 25.03
N MET B 231 -10.73 -31.29 25.25
CA MET B 231 -11.72 -30.23 25.04
C MET B 231 -11.18 -29.10 24.18
N GLY B 232 -10.20 -29.38 23.33
CA GLY B 232 -9.69 -28.31 22.50
C GLY B 232 -8.40 -27.71 23.05
N SER B 233 -7.30 -28.02 22.38
CA SER B 233 -5.96 -27.58 22.73
C SER B 233 -5.40 -26.65 21.66
N MET B 234 -4.21 -26.10 21.97
CA MET B 234 -3.44 -25.23 21.08
C MET B 234 -1.97 -25.66 21.10
N SER B 235 -1.37 -25.76 19.92
CA SER B 235 0.06 -25.98 19.79
C SER B 235 0.55 -25.16 18.61
N ILE B 236 1.87 -25.06 18.44
CA ILE B 236 2.44 -24.22 17.37
C ILE B 236 3.70 -24.86 16.82
N CYS B 237 3.75 -25.07 15.50
CA CYS B 237 4.99 -25.37 14.79
C CYS B 237 5.66 -24.04 14.45
N ALA B 238 6.77 -23.78 15.13
CA ALA B 238 7.61 -22.63 14.82
C ALA B 238 8.49 -23.02 13.63
N GLY B 239 8.17 -22.50 12.46
CA GLY B 239 8.93 -22.79 11.28
C GLY B 239 8.12 -22.52 10.04
N SER B 240 8.74 -22.74 8.90
CA SER B 240 8.07 -22.52 7.64
C SER B 240 6.99 -23.58 7.42
N PHE B 241 5.88 -23.15 6.82
CA PHE B 241 4.73 -24.03 6.62
C PHE B 241 5.10 -25.29 5.84
N VAL B 242 5.74 -25.11 4.69
CA VAL B 242 6.11 -26.22 3.83
C VAL B 242 7.17 -27.10 4.48
N ASP B 243 8.04 -26.50 5.29
CA ASP B 243 9.03 -27.28 6.02
C ASP B 243 8.37 -28.19 7.06
N CYS B 244 7.39 -27.64 7.80
CA CYS B 244 6.74 -28.39 8.87
C CYS B 244 5.82 -29.48 8.33
N TYR B 245 5.11 -29.21 7.22
CA TYR B 245 4.03 -30.11 6.82
C TYR B 245 4.05 -30.53 5.35
N GLY B 246 5.12 -30.25 4.62
CA GLY B 246 5.12 -30.47 3.19
C GLY B 246 5.12 -31.94 2.80
N ARG B 247 5.00 -32.18 1.50
CA ARG B 247 5.22 -33.53 1.01
C ARG B 247 6.65 -33.95 1.28
N ASN B 248 6.85 -35.25 1.48
CA ASN B 248 8.22 -35.72 1.69
C ASN B 248 8.89 -36.13 0.40
N GLN B 249 8.15 -36.18 -0.70
CA GLN B 249 8.67 -36.51 -2.03
C GLN B 249 8.07 -35.56 -3.06
N GLY B 250 8.89 -35.16 -4.02
CA GLY B 250 8.46 -34.34 -5.14
C GLY B 250 8.44 -32.84 -4.89
N THR B 251 8.83 -32.39 -3.72
CA THR B 251 8.88 -30.96 -3.40
C THR B 251 10.33 -30.50 -3.43
N LYS B 252 10.59 -29.45 -4.22
CA LYS B 252 11.95 -28.95 -4.35
C LYS B 252 12.38 -28.35 -3.03
N ILE B 253 13.62 -28.58 -2.69
CA ILE B 253 14.14 -28.01 -1.47
C ILE B 253 14.61 -26.58 -1.75
N SER B 254 14.36 -25.70 -0.78
CA SER B 254 14.60 -24.29 -0.93
C SER B 254 14.88 -23.70 0.46
N SER B 255 14.68 -22.39 0.58
CA SER B 255 14.73 -21.75 1.89
C SER B 255 13.57 -22.23 2.76
N HIS B 256 12.39 -22.44 2.17
CA HIS B 256 11.22 -22.82 2.96
C HIS B 256 10.98 -24.33 2.96
N TYR B 257 11.91 -25.13 2.45
CA TYR B 257 11.78 -26.59 2.50
C TYR B 257 13.16 -27.21 2.71
N THR B 258 13.35 -27.86 3.86
CA THR B 258 14.61 -28.51 4.16
C THR B 258 14.42 -30.01 4.24
N PHE B 259 15.54 -30.74 4.15
CA PHE B 259 15.48 -32.20 4.13
C PHE B 259 16.21 -32.86 5.30
N SER B 260 16.37 -32.15 6.42
CA SER B 260 16.91 -32.77 7.62
C SER B 260 15.96 -33.84 8.16
N ARG B 261 16.50 -34.74 8.98
CA ARG B 261 15.69 -35.84 9.52
C ARG B 261 14.52 -35.32 10.36
N ARG B 262 14.74 -34.25 11.14
CA ARG B 262 13.67 -33.69 11.96
C ARG B 262 12.45 -33.37 11.11
N MET B 263 12.63 -32.55 10.07
CA MET B 263 11.52 -32.10 9.24
C MET B 263 10.96 -33.21 8.38
N GLN B 264 11.79 -34.17 7.96
CA GLN B 264 11.26 -35.35 7.26
C GLN B 264 10.30 -36.11 8.16
N LEU B 265 10.65 -36.23 9.45
CA LEU B 265 9.76 -36.89 10.39
C LEU B 265 8.49 -36.07 10.63
N SER B 266 8.65 -34.76 10.85
CA SER B 266 7.48 -33.90 11.08
C SER B 266 6.52 -33.95 9.90
N ARG B 267 7.06 -33.97 8.68
CA ARG B 267 6.22 -34.10 7.50
C ARG B 267 5.61 -35.48 7.38
N ALA B 268 6.34 -36.52 7.82
CA ALA B 268 5.79 -37.87 7.77
C ALA B 268 4.58 -38.01 8.69
N LYS B 269 4.70 -37.50 9.92
CA LYS B 269 3.56 -37.50 10.83
C LYS B 269 2.50 -36.48 10.45
N ALA B 270 2.83 -35.55 9.54
CA ALA B 270 1.87 -34.52 9.16
C ALA B 270 0.88 -35.03 8.12
N GLU B 271 1.26 -36.03 7.34
CA GLU B 271 0.41 -36.52 6.25
C GLU B 271 -0.94 -36.98 6.78
N ASN B 272 -2.01 -36.50 6.15
CA ASN B 272 -3.39 -36.86 6.50
C ASN B 272 -3.63 -36.73 8.00
N SER B 273 -3.14 -35.64 8.60
CA SER B 273 -3.25 -35.52 10.03
C SER B 273 -4.27 -34.48 10.48
N LYS B 274 -4.85 -33.73 9.55
CA LYS B 274 -5.72 -32.63 9.92
C LYS B 274 -7.06 -32.78 9.21
N ASP B 275 -8.12 -32.40 9.93
CA ASP B 275 -9.47 -32.31 9.42
C ASP B 275 -9.74 -30.97 8.74
N VAL B 276 -9.12 -29.89 9.22
CA VAL B 276 -9.37 -28.55 8.71
C VAL B 276 -8.05 -27.80 8.58
N VAL B 277 -7.86 -27.12 7.46
CA VAL B 277 -6.80 -26.13 7.30
C VAL B 277 -7.46 -24.79 7.06
N VAL B 278 -7.07 -23.78 7.84
CA VAL B 278 -7.61 -22.43 7.70
C VAL B 278 -6.46 -21.49 7.36
N THR B 279 -6.45 -20.97 6.12
CA THR B 279 -5.48 -19.95 5.71
C THR B 279 -6.15 -18.57 5.70
N ASN B 280 -5.62 -17.66 6.49
CA ASN B 280 -6.23 -16.37 6.81
C ASN B 280 -5.17 -15.30 6.57
N PHE B 281 -5.28 -14.57 5.46
CA PHE B 281 -4.23 -13.63 5.03
C PHE B 281 -2.89 -14.36 4.91
N PHE B 282 -2.91 -15.57 4.38
CA PHE B 282 -1.68 -16.37 4.32
C PHE B 282 -1.34 -16.87 2.93
N ILE B 283 -2.33 -17.22 2.11
CA ILE B 283 -2.04 -18.00 0.89
C ILE B 283 -1.17 -17.23 -0.08
N ASP B 284 -1.08 -15.91 0.07
CA ASP B 284 -0.33 -15.06 -0.85
C ASP B 284 1.03 -14.65 -0.32
N THR B 285 1.49 -15.26 0.77
CA THR B 285 2.72 -14.83 1.45
C THR B 285 3.98 -15.47 0.90
N GLY B 286 3.88 -16.53 0.09
CA GLY B 286 5.03 -17.32 -0.27
C GLY B 286 5.62 -16.97 -1.64
N SER B 287 6.78 -17.54 -1.90
CA SER B 287 7.38 -17.41 -3.23
C SER B 287 6.89 -18.47 -4.20
N ASN B 288 6.16 -19.46 -3.72
CA ASN B 288 5.63 -20.50 -4.61
C ASN B 288 4.31 -21.00 -4.02
N ILE B 289 3.20 -20.43 -4.47
CA ILE B 289 1.90 -20.82 -3.94
C ILE B 289 1.60 -22.29 -4.24
N LEU B 290 2.21 -22.85 -5.29
CA LEU B 290 2.00 -24.26 -5.59
C LEU B 290 2.57 -25.16 -4.49
N ASP B 291 3.66 -24.75 -3.84
CA ASP B 291 4.13 -25.46 -2.65
C ASP B 291 3.08 -25.42 -1.55
N TYR B 292 2.43 -24.27 -1.37
CA TYR B 292 1.37 -24.15 -0.35
C TYR B 292 0.22 -25.11 -0.65
N LEU B 293 -0.23 -25.15 -1.92
CA LEU B 293 -1.34 -26.01 -2.29
C LEU B 293 -0.98 -27.48 -2.08
N ASP B 294 0.23 -27.87 -2.52
CA ASP B 294 0.74 -29.22 -2.27
C ASP B 294 0.71 -29.55 -0.79
N THR B 295 1.14 -28.60 0.05
CA THR B 295 1.23 -28.88 1.48
C THR B 295 -0.15 -29.04 2.11
N ILE B 296 -1.11 -28.21 1.67
CA ILE B 296 -2.47 -28.33 2.17
C ILE B 296 -3.06 -29.69 1.80
N GLY B 297 -2.88 -30.10 0.55
CA GLY B 297 -3.38 -31.41 0.15
C GLY B 297 -2.70 -32.55 0.89
N HIS B 298 -1.40 -32.39 1.18
CA HIS B 298 -0.68 -33.41 1.91
C HIS B 298 -1.22 -33.55 3.33
N VAL B 299 -1.30 -32.44 4.06
CA VAL B 299 -1.61 -32.50 5.48
C VAL B 299 -3.08 -32.81 5.77
N LEU B 300 -3.97 -32.57 4.81
CA LEU B 300 -5.39 -32.84 5.02
C LEU B 300 -5.70 -34.32 4.78
N LYS B 301 -6.58 -34.87 5.61
CA LYS B 301 -7.13 -36.19 5.36
C LYS B 301 -8.09 -36.12 4.19
N PRO B 302 -8.37 -37.25 3.55
CA PRO B 302 -9.53 -37.30 2.64
C PRO B 302 -10.80 -36.95 3.39
N GLY B 303 -11.62 -36.11 2.76
CA GLY B 303 -12.78 -35.55 3.41
C GLY B 303 -12.53 -34.33 4.27
N GLY B 304 -11.26 -33.92 4.41
CA GLY B 304 -10.97 -32.71 5.15
C GLY B 304 -11.22 -31.46 4.32
N ILE B 305 -11.34 -30.33 5.00
CA ILE B 305 -11.71 -29.08 4.35
C ILE B 305 -10.60 -28.05 4.51
N TRP B 306 -10.33 -27.35 3.43
CA TRP B 306 -9.45 -26.19 3.39
C TRP B 306 -10.33 -24.94 3.23
N CYS B 307 -10.29 -24.07 4.24
CA CYS B 307 -10.94 -22.76 4.20
C CYS B 307 -9.90 -21.66 4.03
N ASN B 308 -10.09 -20.82 3.02
CA ASN B 308 -9.22 -19.68 2.76
C ASN B 308 -10.02 -18.38 2.80
N PHE B 309 -9.45 -17.38 3.46
CA PHE B 309 -9.98 -16.02 3.45
C PHE B 309 -8.83 -15.04 3.37
N GLY B 310 -8.91 -14.13 2.41
CA GLY B 310 -7.94 -13.07 2.36
C GLY B 310 -7.71 -12.56 0.96
N PRO B 311 -6.88 -11.53 0.86
CA PRO B 311 -6.56 -10.97 -0.47
C PRO B 311 -5.58 -11.87 -1.19
N LEU B 312 -5.35 -11.51 -2.44
CA LEU B 312 -4.28 -12.10 -3.24
C LEU B 312 -3.29 -11.00 -3.54
N LEU B 313 -2.61 -10.56 -2.49
CA LEU B 313 -1.58 -9.51 -2.55
C LEU B 313 -0.23 -10.19 -2.46
N TYR B 314 0.39 -10.46 -3.61
CA TYR B 314 1.56 -11.31 -3.61
C TYR B 314 2.80 -10.59 -3.08
N HIS B 315 3.45 -11.23 -2.11
CA HIS B 315 4.46 -10.58 -1.30
C HIS B 315 5.74 -10.33 -2.10
N PHE B 316 6.06 -11.19 -3.06
CA PHE B 316 7.31 -11.08 -3.81
C PHE B 316 7.09 -10.56 -5.21
N GLU B 317 5.93 -9.98 -5.49
CA GLU B 317 5.57 -9.56 -6.85
C GLU B 317 6.59 -8.60 -7.44
N ASN B 318 7.19 -7.74 -6.62
CA ASN B 318 8.19 -6.79 -7.09
C ASN B 318 9.60 -7.11 -6.59
N ASP B 319 9.78 -8.28 -5.99
CA ASP B 319 11.08 -8.70 -5.48
C ASP B 319 11.86 -9.36 -6.60
N HIS B 320 13.02 -8.79 -6.95
CA HIS B 320 13.86 -9.35 -7.99
C HIS B 320 14.97 -10.25 -7.44
N GLY B 321 14.89 -10.62 -6.18
CA GLY B 321 15.86 -11.56 -5.62
C GLY B 321 15.66 -12.99 -6.13
N VAL B 322 16.68 -13.80 -5.90
CA VAL B 322 16.67 -15.20 -6.30
C VAL B 322 17.15 -16.04 -5.11
N GLU B 323 16.67 -17.27 -5.05
CA GLU B 323 17.09 -18.24 -4.04
C GLU B 323 17.68 -19.47 -4.73
N THR B 324 18.05 -20.46 -3.91
CA THR B 324 18.66 -21.69 -4.38
C THR B 324 17.68 -22.83 -4.13
N THR B 325 17.48 -23.65 -5.14
CA THR B 325 16.55 -24.76 -5.04
C THR B 325 17.23 -26.04 -5.51
N TYR B 326 16.79 -27.15 -4.93
CA TYR B 326 17.32 -28.46 -5.23
C TYR B 326 16.21 -29.47 -5.28
N GLU B 327 16.60 -30.66 -5.68
CA GLU B 327 15.76 -31.83 -5.73
C GLU B 327 16.44 -32.91 -4.92
N VAL B 328 15.66 -33.85 -4.40
CA VAL B 328 16.23 -34.96 -3.66
C VAL B 328 16.43 -36.12 -4.63
N ASN B 329 17.67 -36.59 -4.72
CA ASN B 329 18.02 -37.70 -5.60
C ASN B 329 17.35 -38.96 -5.06
N PRO B 330 16.53 -39.66 -5.85
CA PRO B 330 15.85 -40.84 -5.29
C PRO B 330 16.81 -41.95 -4.93
N TYR B 331 17.88 -42.14 -5.71
CA TYR B 331 18.81 -43.24 -5.46
C TYR B 331 19.66 -42.97 -4.23
N SER B 332 20.25 -41.77 -4.13
CA SER B 332 21.21 -41.48 -3.07
C SER B 332 20.61 -40.75 -1.87
N GLY B 333 19.43 -40.15 -2.02
CA GLY B 333 18.88 -39.34 -0.96
C GLY B 333 19.54 -38.00 -0.78
N PHE B 334 20.61 -37.72 -1.51
CA PHE B 334 21.33 -36.45 -1.43
C PHE B 334 20.69 -35.41 -2.34
N GLN B 335 21.02 -34.15 -2.09
CA GLN B 335 20.47 -33.06 -2.89
C GLN B 335 21.11 -33.05 -4.27
N ASP B 336 20.35 -32.54 -5.25
CA ASP B 336 20.73 -32.68 -6.64
C ASP B 336 20.01 -31.60 -7.46
N LYS B 337 20.40 -31.48 -8.72
CA LYS B 337 19.74 -30.58 -9.68
C LYS B 337 19.67 -29.14 -9.15
N ILE B 338 20.83 -28.62 -8.77
CA ILE B 338 20.92 -27.32 -8.13
C ILE B 338 20.50 -26.21 -9.09
N ASN B 339 19.62 -25.32 -8.62
CA ASN B 339 19.29 -24.10 -9.34
C ASN B 339 19.47 -22.95 -8.36
N ASP B 340 20.50 -22.13 -8.57
CA ASP B 340 20.75 -20.98 -7.71
C ASP B 340 20.13 -19.70 -8.24
N TYR B 341 19.40 -19.79 -9.36
CA TYR B 341 18.77 -18.64 -9.98
C TYR B 341 17.25 -18.81 -10.01
N THR B 342 16.68 -19.26 -8.90
CA THR B 342 15.24 -19.44 -8.79
C THR B 342 14.63 -18.12 -8.31
N PRO B 343 13.89 -17.42 -9.15
CA PRO B 343 13.32 -16.12 -8.73
C PRO B 343 12.28 -16.31 -7.65
N LEU B 344 12.16 -15.28 -6.81
CA LEU B 344 11.10 -15.24 -5.81
C LEU B 344 9.76 -14.82 -6.41
N MET B 345 9.79 -13.93 -7.41
CA MET B 345 8.57 -13.49 -8.07
C MET B 345 8.07 -14.59 -9.02
N GLY B 346 6.84 -14.42 -9.50
CA GLY B 346 6.23 -15.39 -10.37
C GLY B 346 5.13 -16.19 -9.66
N LEU B 347 4.29 -16.84 -10.48
CA LEU B 347 3.17 -17.64 -9.98
C LEU B 347 2.24 -16.80 -9.11
N GLU B 348 1.96 -15.57 -9.55
CA GLU B 348 0.97 -14.73 -8.89
C GLU B 348 -0.40 -15.09 -9.48
N LEU B 349 -0.98 -16.17 -8.95
CA LEU B 349 -2.15 -16.76 -9.58
C LEU B 349 -3.43 -16.04 -9.19
N SER B 350 -4.42 -16.12 -10.07
CA SER B 350 -5.73 -15.56 -9.79
C SER B 350 -6.52 -16.52 -8.91
N SER B 351 -7.58 -15.96 -8.32
CA SER B 351 -8.54 -16.72 -7.53
C SER B 351 -9.05 -17.93 -8.30
N ASP B 352 -9.56 -17.69 -9.52
CA ASP B 352 -10.08 -18.77 -10.36
C ASP B 352 -9.05 -19.86 -10.58
N ASP B 353 -7.80 -19.47 -10.86
CA ASP B 353 -6.78 -20.45 -11.16
C ASP B 353 -6.38 -21.25 -9.93
N ILE B 354 -6.35 -20.63 -8.75
CA ILE B 354 -6.06 -21.37 -7.52
C ILE B 354 -7.14 -22.43 -7.29
N ILE B 355 -8.40 -22.02 -7.39
CA ILE B 355 -9.47 -22.99 -7.17
C ILE B 355 -9.46 -24.06 -8.27
N SER B 356 -9.14 -23.67 -9.51
CA SER B 356 -9.12 -24.63 -10.60
C SER B 356 -8.00 -25.63 -10.45
N ILE B 357 -6.84 -25.18 -9.94
CA ILE B 357 -5.75 -26.10 -9.65
C ILE B 357 -6.14 -27.06 -8.55
N ALA B 358 -6.78 -26.56 -7.49
CA ALA B 358 -7.19 -27.45 -6.40
C ALA B 358 -8.19 -28.49 -6.89
N THR B 359 -9.18 -28.07 -7.68
CA THR B 359 -10.23 -28.99 -8.08
C THR B 359 -9.75 -29.96 -9.14
N ASN B 360 -8.94 -29.50 -10.12
CA ASN B 360 -8.56 -30.34 -11.24
C ASN B 360 -7.23 -31.07 -11.05
N HIS B 361 -6.41 -30.69 -10.08
CA HIS B 361 -5.12 -31.36 -9.89
C HIS B 361 -4.89 -31.95 -8.51
N LEU B 362 -5.61 -31.50 -7.48
CA LEU B 362 -5.35 -31.97 -6.12
C LEU B 362 -6.57 -32.62 -5.50
N ASP B 363 -7.55 -33.02 -6.32
CA ASP B 363 -8.66 -33.86 -5.89
C ASP B 363 -9.54 -33.17 -4.85
N PHE B 364 -9.77 -31.87 -5.03
CA PHE B 364 -10.65 -31.10 -4.17
C PHE B 364 -11.98 -30.88 -4.88
N GLU B 365 -13.03 -30.67 -4.08
CA GLU B 365 -14.34 -30.28 -4.57
C GLU B 365 -14.69 -28.94 -3.92
N LEU B 366 -15.12 -27.98 -4.74
CA LEU B 366 -15.49 -26.68 -4.20
C LEU B 366 -16.79 -26.78 -3.41
N ILE B 367 -16.76 -26.27 -2.17
CA ILE B 367 -17.91 -26.35 -1.28
C ILE B 367 -18.53 -24.98 -1.02
N ARG B 368 -17.70 -23.95 -0.83
CA ARG B 368 -18.18 -22.57 -0.65
C ARG B 368 -17.26 -21.62 -1.41
N ARG B 369 -17.83 -20.51 -1.88
CA ARG B 369 -17.00 -19.49 -2.50
C ARG B 369 -17.72 -18.15 -2.51
N GLU B 370 -16.97 -17.09 -2.19
CA GLU B 370 -17.43 -15.71 -2.23
C GLU B 370 -16.26 -14.81 -2.61
N SER B 371 -16.55 -13.79 -3.41
CA SER B 371 -15.53 -12.86 -3.90
C SER B 371 -15.84 -11.44 -3.45
N GLY B 372 -14.79 -10.61 -3.46
CA GLY B 372 -14.95 -9.19 -3.19
C GLY B 372 -15.46 -8.85 -1.81
N ILE B 373 -14.88 -9.47 -0.79
CA ILE B 373 -15.27 -9.18 0.59
C ILE B 373 -14.34 -8.09 1.10
N LEU B 374 -14.82 -6.86 1.17
CA LEU B 374 -14.00 -5.76 1.67
C LEU B 374 -13.74 -5.93 3.16
N CYS B 375 -12.47 -6.06 3.53
CA CYS B 375 -12.12 -6.21 4.94
C CYS B 375 -10.74 -5.59 5.17
N GLY B 376 -10.62 -4.88 6.27
CA GLY B 376 -9.37 -4.23 6.59
C GLY B 376 -8.39 -5.15 7.31
N TYR B 377 -7.19 -4.63 7.50
CA TYR B 377 -6.15 -5.31 8.26
C TYR B 377 -5.58 -4.31 9.25
N GLY B 378 -5.93 -4.45 10.53
CA GLY B 378 -5.52 -3.48 11.53
C GLY B 378 -6.06 -2.09 11.25
N ARG B 379 -7.30 -2.01 10.78
CA ARG B 379 -7.87 -0.75 10.32
C ARG B 379 -8.47 0.03 11.47
N TYR B 380 -8.11 1.31 11.58
CA TYR B 380 -8.78 2.21 12.51
C TYR B 380 -10.28 2.23 12.20
N ALA B 381 -11.11 1.98 13.23
CA ALA B 381 -12.53 1.73 13.04
C ALA B 381 -13.42 2.73 13.79
N GLY B 382 -12.89 3.88 14.19
CA GLY B 382 -13.68 4.87 14.89
C GLY B 382 -14.82 5.41 14.04
N PRO B 383 -15.71 6.19 14.66
CA PRO B 383 -16.90 6.69 13.94
C PRO B 383 -16.56 7.53 12.72
N GLU B 384 -15.48 8.30 12.75
CA GLU B 384 -15.10 9.18 11.66
C GLU B 384 -13.88 8.66 10.90
N SER B 385 -13.72 7.33 10.86
CA SER B 385 -12.54 6.72 10.27
C SER B 385 -12.46 7.03 8.78
N CYS B 386 -11.28 7.48 8.35
CA CYS B 386 -10.97 7.59 6.93
C CYS B 386 -9.70 6.81 6.57
N ALA B 387 -9.30 5.87 7.42
CA ALA B 387 -8.17 5.00 7.10
C ALA B 387 -8.46 4.22 5.83
N MET B 388 -7.38 3.74 5.19
CA MET B 388 -7.46 2.94 3.98
C MET B 388 -8.53 1.87 4.17
N PRO B 389 -9.45 1.73 3.22
CA PRO B 389 -10.63 0.88 3.45
C PRO B 389 -10.30 -0.60 3.65
N GLY B 390 -9.23 -1.09 3.05
CA GLY B 390 -8.87 -2.49 3.23
C GLY B 390 -8.69 -3.20 1.91
N TYR B 391 -8.96 -4.50 1.90
CA TYR B 391 -8.70 -5.34 0.75
C TYR B 391 -9.98 -6.00 0.28
N MET B 392 -10.02 -6.28 -1.02
CA MET B 392 -11.07 -7.13 -1.58
C MET B 392 -10.62 -8.58 -1.37
N CYS B 393 -11.24 -9.24 -0.41
CA CYS B 393 -10.81 -10.57 0.00
C CYS B 393 -11.59 -11.64 -0.75
N HIS B 394 -10.93 -12.77 -0.95
CA HIS B 394 -11.51 -13.95 -1.54
C HIS B 394 -11.72 -14.99 -0.43
N TYR B 395 -12.82 -15.71 -0.51
CA TYR B 395 -13.20 -16.69 0.48
C TYR B 395 -13.62 -17.96 -0.23
N TRP B 396 -13.12 -19.10 0.26
CA TRP B 396 -13.58 -20.35 -0.30
C TRP B 396 -13.38 -21.47 0.71
N ILE B 397 -14.17 -22.53 0.53
CA ILE B 397 -14.00 -23.79 1.23
C ILE B 397 -13.95 -24.89 0.18
N LEU B 398 -12.85 -25.64 0.14
CA LEU B 398 -12.66 -26.80 -0.69
C LEU B 398 -12.55 -28.04 0.18
N LYS B 399 -13.08 -29.17 -0.31
CA LYS B 399 -13.08 -30.41 0.43
C LYS B 399 -12.23 -31.45 -0.29
N SER B 400 -11.27 -32.02 0.42
CA SER B 400 -10.46 -33.06 -0.18
C SER B 400 -11.29 -34.32 -0.40
N ASN B 401 -10.98 -35.04 -1.46
CA ASN B 401 -11.63 -36.33 -1.68
C ASN B 401 -10.86 -37.19 -2.65
N SAH C . -4.89 15.91 -10.00
CA SAH C . -4.49 14.72 -10.79
CB SAH C . -3.14 14.14 -10.36
CG SAH C . -3.15 13.65 -8.91
SD SAH C . -1.53 13.06 -8.45
C SAH C . -5.56 13.65 -10.72
O SAH C . -6.48 13.82 -9.87
OXT SAH C . -5.51 12.67 -11.48
C5' SAH C . -0.63 14.43 -7.78
C4' SAH C . -0.16 15.41 -8.86
O4' SAH C . 0.35 16.62 -8.29
C3' SAH C . 1.00 14.83 -9.65
O3' SAH C . 0.75 15.18 -11.01
C2' SAH C . 2.23 15.53 -9.12
O2' SAH C . 3.27 15.60 -10.10
C1' SAH C . 1.66 16.89 -8.82
N9 SAH C . 2.44 17.67 -7.83
C8 SAH C . 2.95 17.19 -6.67
N7 SAH C . 3.58 18.18 -5.99
C5 SAH C . 3.47 19.31 -6.72
C6 SAH C . 3.91 20.71 -6.55
N6 SAH C . 4.62 21.06 -5.45
N1 SAH C . 3.60 21.60 -7.52
C2 SAH C . 2.89 21.23 -8.61
N3 SAH C . 2.47 19.96 -8.82
C4 SAH C . 2.71 18.97 -7.92
N SAH D . -3.05 -14.99 9.99
CA SAH D . -2.79 -13.73 10.76
CB SAH D . -1.48 -13.11 10.27
CG SAH D . -1.53 -12.72 8.79
SD SAH D . 0.00 -12.03 8.21
C SAH D . -3.93 -12.74 10.68
O SAH D . -4.83 -12.88 9.82
OXT SAH D . -3.92 -11.78 11.49
C5' SAH D . 0.90 -13.31 7.40
C4' SAH D . 1.49 -14.22 8.47
O4' SAH D . 2.00 -15.44 7.92
C3' SAH D . 2.65 -13.57 9.21
O3' SAH D . 2.43 -13.88 10.59
C2' SAH D . 3.85 -14.30 8.64
O2' SAH D . 4.95 -14.35 9.54
C1' SAH D . 3.30 -15.69 8.44
N9 SAH D . 4.00 -16.47 7.41
C8 SAH D . 4.35 -16.01 6.19
N7 SAH D . 4.97 -16.97 5.46
C5 SAH D . 5.02 -18.07 6.23
C6 SAH D . 5.52 -19.45 6.08
N6 SAH D . 6.13 -19.82 4.93
N1 SAH D . 5.38 -20.30 7.11
C2 SAH D . 4.78 -19.93 8.26
N3 SAH D . 4.29 -18.71 8.47
C4 SAH D . 4.38 -17.74 7.50
NA NA E . -3.48 -35.59 2.54
#